data_6U36
#
_entry.id   6U36
#
_cell.length_a   155.605
_cell.length_b   155.605
_cell.length_c   152.451
_cell.angle_alpha   90.000
_cell.angle_beta   90.000
_cell.angle_gamma   120.000
#
_symmetry.space_group_name_H-M   'P 65'
#
loop_
_entity.id
_entity.type
_entity.pdbx_description
1 polymer 'Proprotein convertase subtilisin/kexin type 9'
2 polymer 'Fab Heavy Chain'
3 polymer 'Fab Light Chain'
4 non-polymer '2-fluoro-4-{[(1R)-6-(2-{4-[1-(4-methoxyphenyl)-5-methyl-6-oxo-1,6-dihydropyridazin-3-yl]-1H-1,2,3-triazol-1-yl}ethoxy)-1-methyl-1-{2-oxo-2-[(1,3-thiazol-2-yl)amino]ethyl}-1,2,3,4-tetrahydroisoquinolin-7-yl]oxy}benzoic acid'
5 water water
#
loop_
_entity_poly.entity_id
_entity_poly.type
_entity_poly.pdbx_seq_one_letter_code
_entity_poly.pdbx_strand_id
1 'polypeptide(L)'
;QEDEDGDYEELVLALRSEEDGLAEAPEHGTTATFHRCAKDPWRLPGTYVVVLKEETHLSQSERTARRLQAQAARRGYLTK
ILHVFHGLLPGFLVKMSGDLLELALKLPHVDYIEEDSSVFAQSIPWNLERITPPRYRADEYQPPDGGSLVEVYLLDTSIQ
SDHREIEGRVMVTDFENVPEEDGTRFHRQASKCDSHGTHLAGVVSGRDAGVAKGASMRSLRVLNCQGKGTVSGTLIGLEF
IRKSQLVQPVGPLVVLLPLAGGYSRVLNAACQRLARAGVVLVTAAGNFRDDACLYSPASAPEVITVGATNAQDQPVTLGT
LGTNFGRCVDLFAPGEDIIGASSDCSTCFVSQSGTSQAAAHVAGIAAMMLSAEPELTLAELRQRLIHFSAKDVINEAWFP
EDQRVLTPNLVAALPPSTHGAGWQLFCRTVWSAHSGPTRMATAIARCAPDEELLSCSSFSRSGKRRGERMEAQGGKLVCR
AHNAFGGEGVYAIARCCLLPQANCSVHTAPPAEASMGTRVHCHQQGHVLTGCSSHWEVEDLGTHKPPVLRPRGQPNQCVG
HREASIHASCCHAPGLECKVKEHGIPAPQEQVTVACEEGWTLTGCSALPGTSHVLGAYAVDNTCVVRSRDVSTTGSTSEE
AVTAVAICCRSRHLAQASQELQKGNSADIQHSGGRSSLEGPRFEGKPIPNPLLGLDSTRTGHHHHHH
;
A,B
2 'polypeptide(L)'
;EVQLLESGGGLVQPGGSLRLSCKASGYTFSSYGMYWVRQAPGKGLEWIGWIDPGSGGTKYNEKFKGKATISRDNSKNTLY
LQMNSLRAEDTAVYYCARERYGYYFDYWGQGTLVTVSSASTKGPSVFPLAPSSKSTSGGTAALGCLVKDYFPEPVTVSWN
SGALTSGVHTFPAVLQSSGLYSLSSVVTVPSSSLGTQTYICNVNHKPSNTKVDKKVEPKSCDKTHTAAAYPYDVPDYAGG
HHHHHH
;
H
3 'polypeptide(L)'
;EIVLTQSPATLSLSPGERATITCRASQYVGSYLNWYQQKPGQAPRLLIYDASNRATGIPARFSGSGSGTDFTLTISSLEP
EDFAVYYCQVWDSSPPVVFGGGTKVEIKRTVAAPSVFIFPPSDEQLKSGTASVVCLLNNFYPREAKVQWKVDNALQSGNS
QESVTEQDSKDSTYSLSSTLTLSKADYEKHKVYACEVTHQGLSSPVTKSFNRGEC
;
L
#
loop_
_chem_comp.id
_chem_comp.type
_chem_comp.name
_chem_comp.formula
PVM non-polymer '2-fluoro-4-{[(1R)-6-(2-{4-[1-(4-methoxyphenyl)-5-methyl-6-oxo-1,6-dihydropyridazin-3-yl]-1H-1,2,3-triazol-1-yl}ethoxy)-1-methyl-1-{2-oxo-2-[(1,3-thiazol-2-yl)amino]ethyl}-1,2,3,4-tetrahydroisoquinolin-7-yl]oxy}benzoic acid' 'C38 H35 F N8 O7 S'
#
# COMPACT_ATOMS: atom_id res chain seq x y z
N THR A 31 -43.24 22.79 -20.39
CA THR A 31 -43.17 21.39 -19.95
C THR A 31 -41.76 21.03 -19.43
N ALA A 32 -40.74 21.85 -19.80
CA ALA A 32 -39.36 21.66 -19.38
C ALA A 32 -39.21 21.95 -17.89
N THR A 33 -38.39 21.13 -17.23
CA THR A 33 -38.15 21.23 -15.80
C THR A 33 -36.74 21.70 -15.45
N PHE A 34 -36.59 22.23 -14.24
CA PHE A 34 -35.33 22.71 -13.73
C PHE A 34 -34.85 21.87 -12.56
N HIS A 35 -33.55 21.58 -12.52
CA HIS A 35 -32.93 20.77 -11.48
C HIS A 35 -31.68 21.42 -10.95
N ARG A 36 -31.47 21.29 -9.64
CA ARG A 36 -30.31 21.82 -8.94
C ARG A 36 -29.98 20.97 -7.73
N CYS A 37 -28.79 21.15 -7.18
CA CYS A 37 -28.32 20.41 -6.02
C CYS A 37 -29.12 20.77 -4.77
N ALA A 38 -29.68 19.75 -4.09
CA ALA A 38 -30.43 19.92 -2.85
C ALA A 38 -29.47 20.32 -1.72
N LYS A 39 -28.17 19.98 -1.85
CA LYS A 39 -27.11 20.35 -0.92
C LYS A 39 -26.67 21.74 -1.39
N ASP A 40 -27.29 22.77 -0.81
CA ASP A 40 -27.08 24.17 -1.14
C ASP A 40 -25.59 24.59 -1.22
N PRO A 41 -24.64 24.19 -0.33
CA PRO A 41 -23.25 24.65 -0.48
C PRO A 41 -22.55 24.11 -1.73
N TRP A 42 -23.12 23.08 -2.39
CA TRP A 42 -22.52 22.46 -3.58
C TRP A 42 -23.03 22.97 -4.89
N ARG A 43 -24.01 23.87 -4.87
CA ARG A 43 -24.59 24.47 -6.08
C ARG A 43 -23.57 25.35 -6.76
N LEU A 44 -23.58 25.35 -8.10
CA LEU A 44 -22.68 26.17 -8.89
C LEU A 44 -23.51 26.95 -9.89
N PRO A 45 -24.27 28.00 -9.45
CA PRO A 45 -25.08 28.76 -10.42
C PRO A 45 -24.19 29.55 -11.39
N GLY A 46 -24.69 29.74 -12.60
CA GLY A 46 -23.96 30.44 -13.65
C GLY A 46 -23.51 29.50 -14.76
N THR A 47 -23.56 28.18 -14.50
CA THR A 47 -23.19 27.12 -15.43
C THR A 47 -24.34 26.13 -15.44
N TYR A 48 -24.88 25.88 -16.63
CA TYR A 48 -26.04 25.00 -16.82
C TYR A 48 -25.87 23.96 -17.89
N VAL A 49 -26.49 22.80 -17.67
CA VAL A 49 -26.48 21.70 -18.63
C VAL A 49 -27.88 21.66 -19.21
N VAL A 50 -27.99 22.07 -20.49
CA VAL A 50 -29.28 22.07 -21.19
C VAL A 50 -29.39 20.68 -21.83
N VAL A 51 -30.35 19.89 -21.32
CA VAL A 51 -30.57 18.52 -21.78
C VAL A 51 -31.76 18.48 -22.71
N LEU A 52 -31.54 17.93 -23.89
CA LEU A 52 -32.60 17.83 -24.88
C LEU A 52 -33.28 16.49 -24.88
N LYS A 53 -34.41 16.39 -25.61
CA LYS A 53 -35.18 15.16 -25.74
C LYS A 53 -34.33 14.09 -26.45
N GLU A 54 -34.47 12.82 -26.07
CA GLU A 54 -33.71 11.68 -26.58
C GLU A 54 -33.47 11.55 -28.10
N GLU A 55 -34.49 11.81 -28.95
CA GLU A 55 -34.34 11.68 -30.41
C GLU A 55 -33.73 12.92 -31.12
N THR A 56 -33.25 13.90 -30.34
CA THR A 56 -32.68 15.15 -30.86
C THR A 56 -31.34 14.90 -31.58
N HIS A 57 -31.25 15.43 -32.83
CA HIS A 57 -30.06 15.33 -33.65
C HIS A 57 -29.08 16.43 -33.22
N LEU A 58 -27.76 16.21 -33.45
CA LEU A 58 -26.66 17.12 -33.11
C LEU A 58 -26.86 18.51 -33.71
N SER A 59 -27.41 18.59 -34.94
CA SER A 59 -27.69 19.85 -35.66
C SER A 59 -28.74 20.64 -34.89
N GLN A 60 -29.73 19.92 -34.31
CA GLN A 60 -30.79 20.56 -33.51
C GLN A 60 -30.23 21.04 -32.18
N SER A 61 -29.17 20.39 -31.66
CA SER A 61 -28.52 20.78 -30.40
C SER A 61 -27.74 22.08 -30.63
N GLU A 62 -27.00 22.15 -31.76
CA GLU A 62 -26.21 23.31 -32.16
C GLU A 62 -27.08 24.50 -32.51
N ARG A 63 -28.27 24.24 -33.09
CA ARG A 63 -29.24 25.27 -33.47
C ARG A 63 -29.86 25.87 -32.21
N THR A 64 -30.18 25.02 -31.20
CA THR A 64 -30.77 25.41 -29.91
C THR A 64 -29.80 26.27 -29.12
N ALA A 65 -28.49 25.93 -29.17
CA ALA A 65 -27.44 26.69 -28.49
C ALA A 65 -27.27 28.06 -29.16
N ARG A 66 -27.46 28.11 -30.51
CA ARG A 66 -27.37 29.35 -31.30
C ARG A 66 -28.59 30.22 -31.03
N ARG A 67 -29.79 29.60 -30.93
CA ARG A 67 -31.05 30.27 -30.63
C ARG A 67 -31.01 30.85 -29.24
N LEU A 68 -30.38 30.14 -28.28
CA LEU A 68 -30.23 30.60 -26.90
C LEU A 68 -29.31 31.81 -26.83
N GLN A 69 -28.19 31.77 -27.59
CA GLN A 69 -27.21 32.86 -27.66
C GLN A 69 -27.82 34.10 -28.31
N ALA A 70 -28.71 33.90 -29.32
CA ALA A 70 -29.38 34.97 -30.05
C ALA A 70 -30.40 35.69 -29.17
N GLN A 71 -31.27 34.92 -28.46
CA GLN A 71 -32.30 35.48 -27.58
C GLN A 71 -31.71 36.19 -26.36
N ALA A 72 -30.52 35.77 -25.90
CA ALA A 72 -29.85 36.37 -24.76
C ALA A 72 -29.12 37.65 -25.15
N ALA A 73 -28.47 37.67 -26.34
CA ALA A 73 -27.76 38.84 -26.87
C ALA A 73 -28.74 39.98 -27.19
N ARG A 74 -29.96 39.64 -27.66
CA ARG A 74 -31.03 40.59 -27.96
C ARG A 74 -31.54 41.24 -26.66
N ARG A 75 -31.30 40.59 -25.49
CA ARG A 75 -31.70 41.08 -24.17
C ARG A 75 -30.53 41.65 -23.34
N GLY A 76 -29.34 41.75 -23.96
CA GLY A 76 -28.12 42.30 -23.37
C GLY A 76 -27.27 41.35 -22.55
N TYR A 77 -27.43 40.04 -22.75
CA TYR A 77 -26.67 39.02 -22.01
C TYR A 77 -25.63 38.30 -22.83
N LEU A 78 -24.45 38.11 -22.23
CA LEU A 78 -23.33 37.39 -22.84
C LEU A 78 -23.46 35.95 -22.40
N THR A 79 -23.39 35.02 -23.35
CA THR A 79 -23.50 33.60 -23.08
C THR A 79 -22.34 32.89 -23.73
N LYS A 80 -21.86 31.80 -23.12
CA LYS A 80 -20.77 31.03 -23.65
C LYS A 80 -21.10 29.54 -23.68
N ILE A 81 -21.06 28.95 -24.88
CA ILE A 81 -21.32 27.53 -25.03
C ILE A 81 -19.98 26.86 -24.79
N LEU A 82 -19.87 26.22 -23.62
CA LEU A 82 -18.64 25.55 -23.20
C LEU A 82 -18.40 24.19 -23.85
N HIS A 83 -19.47 23.45 -24.11
CA HIS A 83 -19.38 22.12 -24.69
C HIS A 83 -20.70 21.72 -25.30
N VAL A 84 -20.67 20.88 -26.34
CA VAL A 84 -21.85 20.36 -26.99
C VAL A 84 -21.74 18.85 -26.89
N PHE A 85 -22.72 18.23 -26.20
CA PHE A 85 -22.81 16.79 -25.97
C PHE A 85 -23.40 16.13 -27.20
N HIS A 86 -22.67 15.14 -27.74
CA HIS A 86 -23.04 14.39 -28.93
C HIS A 86 -23.38 12.91 -28.66
N GLY A 87 -22.38 12.10 -28.30
CA GLY A 87 -22.51 10.66 -28.09
C GLY A 87 -23.33 10.11 -26.94
N LEU A 88 -23.22 10.70 -25.76
CA LEU A 88 -23.94 10.22 -24.58
C LEU A 88 -25.38 10.70 -24.45
N LEU A 89 -25.59 12.01 -24.50
CA LEU A 89 -26.92 12.60 -24.40
C LEU A 89 -27.02 13.88 -25.22
N PRO A 90 -28.19 14.21 -25.80
CA PRO A 90 -28.28 15.43 -26.61
C PRO A 90 -28.34 16.63 -25.68
N GLY A 91 -27.61 17.67 -26.05
CA GLY A 91 -27.57 18.88 -25.28
C GLY A 91 -26.24 19.57 -25.30
N PHE A 92 -26.10 20.57 -24.46
CA PHE A 92 -24.91 21.38 -24.39
C PHE A 92 -24.71 21.96 -22.98
N LEU A 93 -23.52 22.50 -22.76
CA LEU A 93 -23.09 23.14 -21.54
C LEU A 93 -22.98 24.64 -21.81
N VAL A 94 -23.75 25.44 -21.07
CA VAL A 94 -23.79 26.89 -21.23
C VAL A 94 -23.40 27.62 -19.94
N LYS A 95 -22.65 28.72 -20.10
CA LYS A 95 -22.22 29.57 -19.01
C LYS A 95 -22.99 30.89 -19.23
N MET A 96 -24.02 31.11 -18.43
CA MET A 96 -24.88 32.29 -18.54
C MET A 96 -25.49 32.64 -17.20
N SER A 97 -26.15 33.81 -17.13
CA SER A 97 -26.85 34.28 -15.94
C SER A 97 -28.09 33.42 -15.72
N GLY A 98 -28.51 33.34 -14.45
CA GLY A 98 -29.68 32.60 -14.02
C GLY A 98 -30.97 33.25 -14.49
N ASP A 99 -30.88 34.51 -14.96
CA ASP A 99 -32.00 35.31 -15.46
C ASP A 99 -32.56 34.74 -16.76
N LEU A 100 -31.72 34.01 -17.49
CA LEU A 100 -32.07 33.42 -18.77
C LEU A 100 -32.70 32.05 -18.68
N LEU A 101 -32.92 31.55 -17.44
CA LEU A 101 -33.49 30.23 -17.24
C LEU A 101 -34.92 30.12 -17.69
N GLU A 102 -35.75 31.14 -17.44
CA GLU A 102 -37.14 31.15 -17.85
C GLU A 102 -37.25 31.12 -19.39
N LEU A 103 -36.31 31.81 -20.05
CA LEU A 103 -36.15 31.92 -21.49
C LEU A 103 -35.65 30.57 -22.08
N ALA A 104 -34.59 29.98 -21.48
CA ALA A 104 -34.01 28.72 -21.90
C ALA A 104 -34.96 27.54 -21.71
N LEU A 105 -35.82 27.55 -20.67
CA LEU A 105 -36.80 26.48 -20.43
C LEU A 105 -37.93 26.49 -21.46
N LYS A 106 -38.15 27.63 -22.13
CA LYS A 106 -39.19 27.82 -23.15
C LYS A 106 -38.67 27.42 -24.53
N LEU A 107 -37.38 27.12 -24.64
CA LEU A 107 -36.76 26.71 -25.90
C LEU A 107 -37.27 25.36 -26.36
N PRO A 108 -37.47 25.17 -27.68
CA PRO A 108 -37.97 23.86 -28.16
C PRO A 108 -36.91 22.78 -28.05
N HIS A 109 -37.34 21.49 -28.05
CA HIS A 109 -36.51 20.28 -27.93
C HIS A 109 -35.90 20.06 -26.54
N VAL A 110 -36.12 21.01 -25.62
CA VAL A 110 -35.58 20.95 -24.26
C VAL A 110 -36.38 20.02 -23.35
N ASP A 111 -35.67 19.07 -22.73
CA ASP A 111 -36.27 18.12 -21.80
C ASP A 111 -36.17 18.75 -20.40
N TYR A 112 -34.94 19.06 -19.95
CA TYR A 112 -34.67 19.68 -18.66
C TYR A 112 -33.34 20.41 -18.65
N ILE A 113 -33.19 21.33 -17.70
CA ILE A 113 -31.97 22.09 -17.50
C ILE A 113 -31.50 21.86 -16.08
N GLU A 114 -30.24 21.49 -15.95
CA GLU A 114 -29.67 21.24 -14.65
C GLU A 114 -28.54 22.19 -14.35
N GLU A 115 -28.61 22.81 -13.16
CA GLU A 115 -27.58 23.71 -12.68
C GLU A 115 -26.40 22.86 -12.28
N ASP A 116 -25.20 23.30 -12.68
CA ASP A 116 -24.00 22.56 -12.36
C ASP A 116 -23.77 22.56 -10.85
N SER A 117 -23.13 21.50 -10.37
CA SER A 117 -22.82 21.29 -8.96
C SER A 117 -21.50 20.57 -8.80
N SER A 118 -20.94 20.66 -7.59
CA SER A 118 -19.68 20.05 -7.23
C SER A 118 -19.76 18.59 -6.86
N VAL A 119 -18.71 17.86 -7.25
CA VAL A 119 -18.47 16.45 -6.94
C VAL A 119 -17.19 16.42 -6.17
N PHE A 120 -17.03 15.44 -5.28
CA PHE A 120 -15.86 15.37 -4.42
C PHE A 120 -15.30 13.97 -4.32
N ALA A 121 -13.97 13.89 -4.14
CA ALA A 121 -13.24 12.65 -3.95
C ALA A 121 -13.71 12.09 -2.61
N GLN A 122 -14.00 10.78 -2.56
CA GLN A 122 -14.47 10.07 -1.37
C GLN A 122 -13.37 9.18 -0.76
N SER B 123 2.93 -9.09 5.57
CA SER B 123 2.34 -10.16 4.77
C SER B 123 1.21 -9.54 3.91
N ILE B 124 0.12 -10.30 3.69
CA ILE B 124 -1.06 -9.91 2.92
C ILE B 124 -1.87 -8.98 3.81
N PRO B 125 -2.18 -7.76 3.32
CA PRO B 125 -2.99 -6.82 4.12
C PRO B 125 -4.40 -7.39 4.35
N TRP B 126 -5.03 -7.03 5.49
CA TRP B 126 -6.35 -7.48 5.94
C TRP B 126 -7.49 -7.40 4.87
N ASN B 127 -7.52 -6.33 4.09
CA ASN B 127 -8.49 -6.03 3.04
C ASN B 127 -8.45 -7.02 1.87
N LEU B 128 -7.43 -7.90 1.85
CA LEU B 128 -7.26 -8.88 0.78
C LEU B 128 -7.47 -10.32 1.25
N GLU B 129 -7.96 -10.46 2.50
CA GLU B 129 -8.23 -11.75 3.14
C GLU B 129 -9.37 -12.51 2.47
N ARG B 130 -10.39 -11.79 1.97
CA ARG B 130 -11.56 -12.38 1.31
C ARG B 130 -11.39 -12.44 -0.20
N ILE B 131 -10.16 -12.22 -0.69
CA ILE B 131 -9.87 -12.27 -2.12
C ILE B 131 -9.10 -13.54 -2.43
N THR B 132 -9.78 -14.50 -3.08
CA THR B 132 -9.13 -15.75 -3.45
C THR B 132 -8.51 -15.58 -4.83
N PRO B 133 -7.16 -15.74 -4.97
CA PRO B 133 -6.53 -15.55 -6.29
C PRO B 133 -6.63 -16.79 -7.22
N PRO B 134 -7.24 -16.66 -8.42
CA PRO B 134 -7.34 -17.83 -9.31
C PRO B 134 -6.03 -17.87 -10.09
N LEU B 149 -8.57 -8.50 -21.68
CA LEU B 149 -9.15 -7.46 -22.54
C LEU B 149 -10.06 -6.52 -21.74
N VAL B 150 -10.19 -6.78 -20.42
CA VAL B 150 -11.01 -6.01 -19.49
C VAL B 150 -10.31 -4.71 -19.14
N GLU B 151 -10.99 -3.58 -19.46
CA GLU B 151 -10.50 -2.23 -19.19
C GLU B 151 -11.22 -1.63 -18.00
N VAL B 152 -10.44 -1.01 -17.11
CA VAL B 152 -10.98 -0.32 -15.94
C VAL B 152 -10.71 1.16 -16.16
N TYR B 153 -11.78 1.93 -16.28
CA TYR B 153 -11.71 3.38 -16.48
C TYR B 153 -11.80 4.04 -15.13
N LEU B 154 -10.89 4.97 -14.88
CA LEU B 154 -10.84 5.69 -13.62
C LEU B 154 -11.10 7.17 -13.84
N LEU B 155 -12.09 7.72 -13.13
CA LEU B 155 -12.45 9.15 -13.20
C LEU B 155 -12.16 9.70 -11.84
N ASP B 156 -10.98 10.27 -11.69
CA ASP B 156 -10.53 10.77 -10.40
C ASP B 156 -9.59 11.97 -10.60
N THR B 157 -8.60 12.10 -9.69
CA THR B 157 -7.58 13.13 -9.74
C THR B 157 -6.53 12.66 -10.75
N SER B 158 -5.42 13.40 -10.83
CA SER B 158 -4.31 13.02 -11.69
C SER B 158 -3.67 11.85 -10.97
N ILE B 159 -2.94 11.00 -11.70
CA ILE B 159 -2.30 9.82 -11.13
C ILE B 159 -0.81 9.82 -11.48
N GLN B 160 -0.01 9.13 -10.67
CA GLN B 160 1.41 8.99 -10.96
C GLN B 160 1.53 7.63 -11.62
N SER B 161 1.55 7.62 -12.95
CA SER B 161 1.62 6.41 -13.75
C SER B 161 2.96 5.68 -13.66
N ASP B 162 4.00 6.36 -13.15
CA ASP B 162 5.36 5.82 -13.01
C ASP B 162 5.52 4.95 -11.77
N HIS B 163 4.52 4.91 -10.88
CA HIS B 163 4.57 4.12 -9.66
C HIS B 163 4.72 2.64 -9.98
N ARG B 164 5.71 1.98 -9.35
CA ARG B 164 6.06 0.57 -9.52
C ARG B 164 4.90 -0.42 -9.35
N GLU B 165 3.91 -0.01 -8.57
CA GLU B 165 2.72 -0.79 -8.25
C GLU B 165 1.78 -0.90 -9.45
N ILE B 166 1.72 0.16 -10.27
CA ILE B 166 0.81 0.28 -11.42
C ILE B 166 1.44 0.60 -12.80
N GLU B 167 2.75 0.85 -12.89
CA GLU B 167 3.39 1.22 -14.13
C GLU B 167 3.31 0.13 -15.21
N GLY B 168 3.11 0.56 -16.45
CA GLY B 168 2.96 -0.32 -17.61
C GLY B 168 1.58 -0.89 -17.80
N ARG B 169 0.72 -0.82 -16.76
CA ARG B 169 -0.66 -1.34 -16.78
C ARG B 169 -1.71 -0.25 -16.75
N VAL B 170 -1.36 0.93 -16.22
CA VAL B 170 -2.24 2.08 -16.11
C VAL B 170 -1.85 3.13 -17.13
N MET B 171 -2.80 3.42 -18.03
CA MET B 171 -2.66 4.39 -19.10
C MET B 171 -3.28 5.74 -18.69
N VAL B 172 -2.61 6.83 -19.05
CA VAL B 172 -3.10 8.18 -18.76
C VAL B 172 -3.67 8.73 -20.04
N THR B 173 -5.00 8.93 -20.06
CA THR B 173 -5.67 9.50 -21.21
C THR B 173 -5.35 10.99 -21.20
N ASP B 174 -5.63 11.67 -22.31
CA ASP B 174 -5.40 13.10 -22.46
C ASP B 174 -6.57 13.91 -21.86
N PHE B 175 -7.53 13.19 -21.22
CA PHE B 175 -8.69 13.84 -20.62
C PHE B 175 -8.37 14.54 -19.31
N GLU B 176 -8.84 15.79 -19.20
CA GLU B 176 -8.68 16.65 -18.05
C GLU B 176 -9.75 17.73 -18.07
N ASN B 177 -10.57 17.76 -17.00
CA ASN B 177 -11.61 18.75 -16.81
C ASN B 177 -11.83 18.92 -15.33
N VAL B 178 -11.13 19.90 -14.80
CA VAL B 178 -11.15 20.25 -13.37
C VAL B 178 -11.53 21.69 -13.09
N PRO B 179 -12.24 21.96 -11.97
CA PRO B 179 -12.60 23.35 -11.68
C PRO B 179 -11.50 24.04 -10.85
N GLU B 180 -11.65 25.36 -10.72
CA GLU B 180 -10.84 26.36 -10.00
C GLU B 180 -9.31 26.12 -9.97
N GLU B 181 -8.70 26.03 -11.15
CA GLU B 181 -7.26 25.87 -11.33
C GLU B 181 -6.81 26.70 -12.55
N ALA B 190 1.82 18.99 -6.06
CA ALA B 190 2.18 18.11 -7.18
C ALA B 190 2.02 16.64 -6.81
N SER B 191 2.66 16.23 -5.69
CA SER B 191 2.55 14.86 -5.17
C SER B 191 1.22 14.76 -4.43
N LYS B 192 0.70 15.88 -3.93
CA LYS B 192 -0.60 15.91 -3.26
C LYS B 192 -1.75 15.89 -4.28
N CYS B 193 -1.49 16.35 -5.54
CA CYS B 193 -2.44 16.37 -6.67
C CYS B 193 -2.76 14.95 -7.12
N ASP B 194 -1.75 14.07 -7.01
CA ASP B 194 -1.79 12.66 -7.42
C ASP B 194 -2.21 11.66 -6.34
N SER B 195 -2.07 12.02 -5.05
CA SER B 195 -2.39 11.17 -3.89
C SER B 195 -3.69 10.30 -3.96
N HIS B 196 -4.83 10.89 -4.31
CA HIS B 196 -6.08 10.14 -4.33
C HIS B 196 -6.19 9.03 -5.42
N GLY B 197 -6.00 9.42 -6.69
CA GLY B 197 -6.06 8.51 -7.82
C GLY B 197 -4.99 7.43 -7.84
N THR B 198 -3.76 7.77 -7.39
CA THR B 198 -2.61 6.85 -7.34
C THR B 198 -2.92 5.70 -6.38
N HIS B 199 -3.52 6.03 -5.23
CA HIS B 199 -3.89 5.07 -4.22
C HIS B 199 -4.93 4.10 -4.79
N LEU B 200 -5.99 4.65 -5.41
CA LEU B 200 -7.08 3.91 -6.02
C LEU B 200 -6.65 3.07 -7.20
N ALA B 201 -5.68 3.54 -8.00
CA ALA B 201 -5.17 2.74 -9.11
C ALA B 201 -4.43 1.54 -8.52
N GLY B 202 -3.74 1.76 -7.40
CA GLY B 202 -3.00 0.76 -6.63
C GLY B 202 -3.93 -0.22 -5.93
N VAL B 203 -5.13 0.24 -5.51
CA VAL B 203 -6.14 -0.59 -4.85
C VAL B 203 -6.70 -1.61 -5.86
N VAL B 204 -6.97 -1.15 -7.11
CA VAL B 204 -7.51 -1.98 -8.18
C VAL B 204 -6.46 -2.96 -8.75
N SER B 205 -5.41 -2.43 -9.41
CA SER B 205 -4.40 -3.21 -10.12
C SER B 205 -2.98 -3.27 -9.54
N GLY B 206 -2.79 -2.94 -8.26
CA GLY B 206 -1.48 -2.98 -7.62
C GLY B 206 -0.81 -4.34 -7.62
N ARG B 207 0.49 -4.39 -7.98
CA ARG B 207 1.28 -5.61 -8.07
C ARG B 207 1.36 -6.37 -6.76
N ASP B 208 1.57 -5.66 -5.66
CA ASP B 208 1.69 -6.24 -4.32
C ASP B 208 0.40 -6.14 -3.48
N ALA B 209 -0.25 -4.94 -3.49
CA ALA B 209 -1.42 -4.62 -2.68
C ALA B 209 -2.72 -4.35 -3.46
N GLY B 210 -2.81 -4.83 -4.71
CA GLY B 210 -4.00 -4.66 -5.52
C GLY B 210 -4.93 -5.85 -5.41
N VAL B 211 -6.21 -5.65 -5.80
CA VAL B 211 -7.22 -6.71 -5.77
C VAL B 211 -7.02 -7.53 -7.05
N ALA B 212 -7.16 -6.87 -8.21
CA ALA B 212 -6.98 -7.45 -9.53
C ALA B 212 -5.56 -7.09 -9.99
N LYS B 213 -4.56 -7.79 -9.41
CA LYS B 213 -3.14 -7.61 -9.70
C LYS B 213 -2.82 -7.68 -11.19
N GLY B 214 -2.42 -6.52 -11.72
CA GLY B 214 -2.05 -6.36 -13.13
C GLY B 214 -3.17 -5.98 -14.08
N ALA B 215 -4.34 -5.54 -13.55
CA ALA B 215 -5.48 -5.14 -14.39
C ALA B 215 -5.14 -3.90 -15.21
N SER B 216 -5.66 -3.85 -16.45
CA SER B 216 -5.44 -2.75 -17.36
C SER B 216 -6.37 -1.60 -16.96
N MET B 217 -5.78 -0.43 -16.73
CA MET B 217 -6.53 0.75 -16.33
C MET B 217 -6.25 1.91 -17.27
N ARG B 218 -7.23 2.81 -17.40
CA ARG B 218 -7.13 4.02 -18.22
C ARG B 218 -7.76 5.13 -17.39
N SER B 219 -6.94 6.13 -16.98
CA SER B 219 -7.39 7.22 -16.11
C SER B 219 -7.73 8.51 -16.85
N LEU B 220 -8.76 9.21 -16.34
CA LEU B 220 -9.28 10.50 -16.76
C LEU B 220 -9.22 11.42 -15.55
N ARG B 221 -8.91 12.71 -15.76
CA ARG B 221 -8.81 13.66 -14.67
C ARG B 221 -10.07 14.56 -14.57
N VAL B 222 -10.91 14.29 -13.55
CA VAL B 222 -12.16 15.02 -13.29
C VAL B 222 -12.13 15.74 -11.94
N LEU B 223 -11.10 15.45 -11.14
CA LEU B 223 -10.92 16.04 -9.82
C LEU B 223 -9.60 16.78 -9.76
N ASN B 224 -9.65 18.01 -9.24
CA ASN B 224 -8.48 18.86 -9.11
C ASN B 224 -7.55 18.37 -7.99
N CYS B 225 -6.53 19.17 -7.66
CA CYS B 225 -5.54 18.89 -6.63
C CYS B 225 -6.14 18.80 -5.21
N GLN B 226 -7.33 19.37 -5.02
CA GLN B 226 -8.07 19.36 -3.76
C GLN B 226 -9.20 18.30 -3.75
N GLY B 227 -9.23 17.46 -4.80
CA GLY B 227 -10.18 16.37 -4.99
C GLY B 227 -11.58 16.84 -5.31
N LYS B 228 -11.70 18.04 -5.89
CA LYS B 228 -12.96 18.68 -6.24
C LYS B 228 -13.16 18.67 -7.76
N GLY B 229 -14.40 18.41 -8.16
CA GLY B 229 -14.83 18.36 -9.55
C GLY B 229 -16.20 18.96 -9.74
N THR B 230 -16.75 18.79 -10.94
CA THR B 230 -18.08 19.30 -11.27
C THR B 230 -18.83 18.18 -11.91
N VAL B 231 -20.16 18.26 -11.90
CA VAL B 231 -21.02 17.27 -12.54
C VAL B 231 -20.80 17.40 -14.06
N SER B 232 -20.75 18.65 -14.58
CA SER B 232 -20.53 18.97 -16.00
C SER B 232 -19.25 18.35 -16.53
N GLY B 233 -18.15 18.54 -15.79
CA GLY B 233 -16.84 17.99 -16.11
C GLY B 233 -16.82 16.48 -16.08
N THR B 234 -17.66 15.88 -15.19
CA THR B 234 -17.81 14.43 -15.01
C THR B 234 -18.57 13.85 -16.22
N LEU B 235 -19.59 14.58 -16.74
CA LEU B 235 -20.38 14.16 -17.91
C LEU B 235 -19.50 14.05 -19.13
N ILE B 236 -18.60 15.03 -19.33
CA ILE B 236 -17.67 15.11 -20.45
C ILE B 236 -16.70 13.91 -20.40
N GLY B 237 -16.30 13.51 -19.20
CA GLY B 237 -15.43 12.35 -18.99
C GLY B 237 -16.17 11.07 -19.40
N LEU B 238 -17.47 11.03 -19.09
CA LEU B 238 -18.34 9.89 -19.40
C LEU B 238 -18.64 9.79 -20.87
N GLU B 239 -18.69 10.94 -21.56
CA GLU B 239 -18.92 11.00 -22.98
C GLU B 239 -17.65 10.56 -23.70
N PHE B 240 -16.49 10.88 -23.10
CA PHE B 240 -15.17 10.52 -23.59
C PHE B 240 -15.02 9.00 -23.60
N ILE B 241 -15.63 8.32 -22.59
CA ILE B 241 -15.64 6.86 -22.43
C ILE B 241 -16.47 6.24 -23.53
N ARG B 242 -17.69 6.78 -23.75
CA ARG B 242 -18.61 6.33 -24.79
C ARG B 242 -17.96 6.43 -26.18
N LYS B 243 -17.15 7.48 -26.41
CA LYS B 243 -16.43 7.69 -27.67
C LYS B 243 -15.30 6.66 -27.76
N SER B 244 -14.58 6.41 -26.64
CA SER B 244 -13.49 5.44 -26.55
C SER B 244 -13.96 3.99 -26.71
N GLN B 245 -15.22 3.72 -26.32
CA GLN B 245 -15.85 2.39 -26.40
C GLN B 245 -16.08 2.01 -27.86
N LEU B 246 -16.41 2.99 -28.71
CA LEU B 246 -16.67 2.80 -30.13
C LEU B 246 -15.40 2.71 -30.99
N VAL B 247 -14.34 3.42 -30.60
CA VAL B 247 -13.06 3.42 -31.31
C VAL B 247 -12.34 2.10 -31.04
N GLN B 248 -12.06 1.83 -29.76
CA GLN B 248 -11.37 0.62 -29.31
C GLN B 248 -12.22 -0.62 -29.55
N PRO B 249 -11.59 -1.83 -29.66
CA PRO B 249 -12.38 -3.03 -29.92
C PRO B 249 -13.28 -3.38 -28.76
N VAL B 250 -14.26 -4.28 -29.02
CA VAL B 250 -15.21 -4.76 -28.03
C VAL B 250 -14.49 -5.45 -26.88
N GLY B 251 -15.11 -5.41 -25.71
CA GLY B 251 -14.57 -5.98 -24.48
C GLY B 251 -15.24 -5.39 -23.26
N PRO B 252 -15.09 -6.06 -22.09
CA PRO B 252 -15.76 -5.58 -20.86
C PRO B 252 -15.13 -4.27 -20.41
N LEU B 253 -15.99 -3.29 -20.11
CA LEU B 253 -15.60 -1.96 -19.64
C LEU B 253 -16.13 -1.79 -18.22
N VAL B 254 -15.22 -1.50 -17.29
CA VAL B 254 -15.57 -1.23 -15.91
C VAL B 254 -15.26 0.26 -15.72
N VAL B 255 -16.23 1.06 -15.26
CA VAL B 255 -16.02 2.48 -15.03
C VAL B 255 -16.08 2.71 -13.52
N LEU B 256 -14.95 3.11 -12.94
CA LEU B 256 -14.83 3.38 -11.51
C LEU B 256 -15.05 4.87 -11.27
N LEU B 257 -16.13 5.19 -10.51
CA LEU B 257 -16.51 6.56 -10.14
C LEU B 257 -16.36 6.75 -8.62
N PRO B 258 -15.12 6.99 -8.13
CA PRO B 258 -14.91 7.14 -6.68
C PRO B 258 -15.13 8.58 -6.21
N LEU B 259 -16.24 9.15 -6.64
CA LEU B 259 -16.62 10.51 -6.30
C LEU B 259 -18.10 10.58 -5.98
N ALA B 260 -18.54 11.69 -5.38
CA ALA B 260 -19.93 11.91 -5.03
C ALA B 260 -20.20 13.38 -4.87
N GLY B 261 -21.38 13.74 -5.31
CA GLY B 261 -22.00 15.05 -5.22
C GLY B 261 -23.42 14.75 -4.79
N GLY B 262 -24.29 15.76 -4.82
CA GLY B 262 -25.69 15.59 -4.47
C GLY B 262 -26.38 14.86 -5.61
N TYR B 263 -27.66 14.51 -5.45
CA TYR B 263 -28.43 13.83 -6.48
C TYR B 263 -28.43 14.72 -7.74
N SER B 264 -28.04 14.15 -8.88
CA SER B 264 -27.96 14.83 -10.17
C SER B 264 -28.78 14.03 -11.17
N ARG B 265 -29.74 14.69 -11.82
CA ARG B 265 -30.60 14.02 -12.79
C ARG B 265 -29.79 13.64 -14.02
N VAL B 266 -28.95 14.56 -14.52
CA VAL B 266 -28.13 14.39 -15.71
C VAL B 266 -27.01 13.36 -15.50
N LEU B 267 -26.40 13.33 -14.30
CA LEU B 267 -25.32 12.39 -14.01
C LEU B 267 -25.83 10.95 -13.93
N ASN B 268 -27.02 10.74 -13.35
CA ASN B 268 -27.63 9.43 -13.22
C ASN B 268 -28.11 8.94 -14.59
N ALA B 269 -28.54 9.88 -15.45
CA ALA B 269 -29.00 9.61 -16.81
C ALA B 269 -27.82 9.19 -17.67
N ALA B 270 -26.62 9.79 -17.43
CA ALA B 270 -25.37 9.48 -18.12
C ALA B 270 -24.91 8.07 -17.73
N CYS B 271 -25.08 7.70 -16.44
CA CYS B 271 -24.74 6.37 -15.92
C CYS B 271 -25.67 5.31 -16.51
N GLN B 272 -26.93 5.69 -16.80
CA GLN B 272 -27.94 4.81 -17.38
C GLN B 272 -27.59 4.50 -18.85
N ARG B 273 -27.25 5.54 -19.65
CA ARG B 273 -26.89 5.44 -21.05
C ARG B 273 -25.66 4.53 -21.25
N LEU B 274 -24.69 4.58 -20.32
CA LEU B 274 -23.48 3.76 -20.38
C LEU B 274 -23.78 2.32 -20.03
N ALA B 275 -24.63 2.09 -19.00
CA ALA B 275 -25.04 0.76 -18.58
C ALA B 275 -25.88 0.07 -19.65
N ARG B 276 -26.60 0.87 -20.48
CA ARG B 276 -27.40 0.36 -21.61
C ARG B 276 -26.49 -0.07 -22.74
N ALA B 277 -25.24 0.44 -22.76
CA ALA B 277 -24.20 0.12 -23.72
C ALA B 277 -23.33 -1.06 -23.25
N GLY B 278 -23.66 -1.63 -22.09
CA GLY B 278 -22.98 -2.79 -21.50
C GLY B 278 -21.83 -2.48 -20.56
N VAL B 279 -21.77 -1.24 -20.04
CA VAL B 279 -20.71 -0.82 -19.12
C VAL B 279 -21.09 -1.13 -17.66
N VAL B 280 -20.11 -1.63 -16.89
CA VAL B 280 -20.25 -1.94 -15.47
C VAL B 280 -19.71 -0.71 -14.71
N LEU B 281 -20.59 0.05 -14.06
CA LEU B 281 -20.20 1.24 -13.30
C LEU B 281 -20.18 0.94 -11.82
N VAL B 282 -19.04 1.21 -11.19
CA VAL B 282 -18.82 0.98 -9.76
C VAL B 282 -18.59 2.35 -9.13
N THR B 283 -19.45 2.70 -8.19
CA THR B 283 -19.39 3.99 -7.54
C THR B 283 -19.27 3.92 -6.01
N ALA B 284 -18.81 5.04 -5.42
CA ALA B 284 -18.68 5.20 -3.98
C ALA B 284 -20.02 5.71 -3.43
N ALA B 285 -20.44 5.17 -2.27
CA ALA B 285 -21.69 5.53 -1.61
C ALA B 285 -21.65 6.95 -1.03
N GLY B 286 -20.46 7.42 -0.64
CA GLY B 286 -20.25 8.74 -0.04
C GLY B 286 -19.82 8.57 1.40
N ASN B 287 -19.09 9.56 1.93
CA ASN B 287 -18.58 9.55 3.30
C ASN B 287 -19.27 10.60 4.17
N PHE B 288 -20.59 10.67 4.06
CA PHE B 288 -21.38 11.67 4.78
C PHE B 288 -22.26 11.11 5.87
N ARG B 289 -22.21 9.77 6.12
CA ARG B 289 -23.02 9.07 7.13
C ARG B 289 -24.49 9.43 6.89
N ASP B 290 -24.89 9.34 5.62
CA ASP B 290 -26.22 9.72 5.16
C ASP B 290 -26.79 8.67 4.22
N ASP B 291 -28.02 8.92 3.75
CA ASP B 291 -28.70 8.04 2.82
C ASP B 291 -28.03 8.27 1.45
N ALA B 292 -27.41 7.22 0.88
CA ALA B 292 -26.74 7.29 -0.41
C ALA B 292 -27.68 7.61 -1.58
N CYS B 293 -29.02 7.51 -1.39
CA CYS B 293 -30.04 7.82 -2.40
C CYS B 293 -30.05 9.33 -2.70
N LEU B 294 -29.48 10.13 -1.80
CA LEU B 294 -29.40 11.59 -1.93
C LEU B 294 -28.09 12.02 -2.62
N TYR B 295 -27.31 11.04 -3.09
CA TYR B 295 -26.05 11.34 -3.73
C TYR B 295 -25.89 10.75 -5.11
N SER B 296 -25.28 11.48 -6.02
CA SER B 296 -25.03 10.98 -7.37
C SER B 296 -23.52 10.85 -7.57
N PRO B 297 -23.00 9.84 -8.31
CA PRO B 297 -23.72 8.80 -9.05
C PRO B 297 -24.15 7.59 -8.19
N ALA B 298 -24.12 7.72 -6.85
CA ALA B 298 -24.51 6.65 -5.91
C ALA B 298 -25.99 6.20 -6.05
N SER B 299 -26.90 7.17 -6.31
CA SER B 299 -28.34 6.99 -6.46
C SER B 299 -28.79 6.43 -7.81
N ALA B 300 -27.87 6.32 -8.81
CA ALA B 300 -28.20 5.81 -10.15
C ALA B 300 -28.51 4.31 -10.04
N PRO B 301 -29.76 3.88 -10.37
CA PRO B 301 -30.12 2.45 -10.24
C PRO B 301 -29.27 1.46 -11.02
N GLU B 302 -28.67 1.88 -12.12
CA GLU B 302 -27.89 1.01 -12.99
C GLU B 302 -26.43 0.78 -12.54
N VAL B 303 -25.97 1.49 -11.51
CA VAL B 303 -24.59 1.35 -11.04
C VAL B 303 -24.49 0.49 -9.80
N ILE B 304 -23.27 0.08 -9.46
CA ILE B 304 -23.00 -0.70 -8.27
C ILE B 304 -22.45 0.31 -7.27
N THR B 305 -23.25 0.60 -6.23
CA THR B 305 -22.95 1.53 -5.15
C THR B 305 -22.32 0.76 -4.00
N VAL B 306 -21.12 1.20 -3.61
CA VAL B 306 -20.31 0.55 -2.59
C VAL B 306 -20.06 1.37 -1.31
N GLY B 307 -20.50 0.78 -0.20
CA GLY B 307 -20.34 1.31 1.13
C GLY B 307 -19.00 0.86 1.70
N ALA B 308 -18.56 1.47 2.81
CA ALA B 308 -17.26 1.15 3.40
C ALA B 308 -17.33 0.48 4.78
N THR B 309 -16.53 -0.59 4.95
CA THR B 309 -16.39 -1.34 6.19
C THR B 309 -14.92 -1.34 6.65
N ASN B 310 -14.71 -1.47 7.95
CA ASN B 310 -13.37 -1.50 8.52
C ASN B 310 -12.85 -2.95 8.68
N ALA B 311 -11.69 -3.12 9.34
CA ALA B 311 -11.08 -4.44 9.57
C ALA B 311 -11.98 -5.38 10.43
N GLN B 312 -12.88 -4.82 11.24
CA GLN B 312 -13.80 -5.61 12.07
C GLN B 312 -15.16 -5.77 11.38
N ASP B 313 -15.21 -5.47 10.05
CA ASP B 313 -16.39 -5.53 9.17
C ASP B 313 -17.52 -4.62 9.64
N GLN B 314 -17.16 -3.56 10.34
CA GLN B 314 -18.07 -2.57 10.88
C GLN B 314 -18.09 -1.32 10.00
N PRO B 315 -19.24 -0.61 9.89
CA PRO B 315 -19.26 0.57 9.04
C PRO B 315 -18.25 1.60 9.55
N VAL B 316 -17.50 2.18 8.60
CA VAL B 316 -16.47 3.18 8.83
C VAL B 316 -17.06 4.44 9.48
N THR B 317 -16.38 4.93 10.54
CA THR B 317 -16.72 6.14 11.27
C THR B 317 -15.54 7.07 11.18
N LEU B 318 -15.81 8.30 10.75
CA LEU B 318 -14.79 9.33 10.66
C LEU B 318 -15.34 10.63 11.25
N GLY B 319 -15.10 10.80 12.54
CA GLY B 319 -15.58 11.95 13.28
C GLY B 319 -17.08 11.90 13.38
N THR B 320 -17.76 12.95 12.88
CA THR B 320 -19.22 13.02 12.88
C THR B 320 -19.77 12.33 11.63
N LEU B 321 -18.86 11.89 10.73
CA LEU B 321 -19.20 11.25 9.48
C LEU B 321 -18.79 9.78 9.42
N GLY B 322 -18.84 9.25 8.21
CA GLY B 322 -18.52 7.87 7.90
C GLY B 322 -19.25 7.45 6.66
N THR B 323 -19.23 6.15 6.36
CA THR B 323 -19.88 5.58 5.20
C THR B 323 -21.38 5.91 5.11
N ASN B 324 -21.88 6.00 3.88
CA ASN B 324 -23.28 6.21 3.63
C ASN B 324 -23.93 4.84 3.70
N PHE B 325 -25.27 4.82 3.70
CA PHE B 325 -26.07 3.61 3.82
C PHE B 325 -27.36 3.76 3.01
N GLY B 326 -28.31 2.85 3.24
CA GLY B 326 -29.60 2.86 2.57
C GLY B 326 -29.83 1.81 1.52
N ARG B 327 -31.02 1.86 0.94
CA ARG B 327 -31.49 0.96 -0.10
C ARG B 327 -30.76 1.13 -1.44
N CYS B 328 -30.11 2.29 -1.69
CA CYS B 328 -29.35 2.57 -2.92
C CYS B 328 -27.96 1.92 -2.86
N VAL B 329 -27.57 1.41 -1.70
CA VAL B 329 -26.27 0.76 -1.56
C VAL B 329 -26.46 -0.72 -1.89
N ASP B 330 -25.55 -1.27 -2.71
CA ASP B 330 -25.62 -2.66 -3.12
C ASP B 330 -24.96 -3.56 -2.11
N LEU B 331 -23.78 -3.17 -1.65
CA LEU B 331 -22.96 -3.90 -0.69
C LEU B 331 -21.86 -2.98 -0.13
N PHE B 332 -21.15 -3.52 0.85
CA PHE B 332 -20.06 -2.83 1.48
C PHE B 332 -18.76 -3.53 1.12
N ALA B 333 -17.64 -2.86 1.35
CA ALA B 333 -16.29 -3.37 1.04
C ALA B 333 -15.26 -2.68 1.91
N PRO B 334 -14.07 -3.29 2.09
CA PRO B 334 -13.05 -2.67 2.96
C PRO B 334 -12.77 -1.23 2.51
N GLY B 335 -12.98 -0.27 3.42
CA GLY B 335 -12.78 1.16 3.16
C GLY B 335 -12.08 1.94 4.25
N GLU B 336 -11.39 1.26 5.17
CA GLU B 336 -10.66 1.94 6.23
C GLU B 336 -9.31 1.29 6.38
N ASP B 337 -8.24 2.10 6.53
CA ASP B 337 -6.86 1.67 6.69
C ASP B 337 -6.46 0.74 5.53
N ILE B 338 -6.61 1.27 4.31
CA ILE B 338 -6.32 0.54 3.09
C ILE B 338 -4.96 0.94 2.60
N ILE B 339 -4.05 -0.03 2.57
CA ILE B 339 -2.71 0.19 2.08
C ILE B 339 -2.74 0.21 0.55
N GLY B 340 -2.04 1.18 -0.02
CA GLY B 340 -1.94 1.36 -1.45
C GLY B 340 -0.82 2.26 -1.87
N ALA B 341 -0.60 2.38 -3.18
CA ALA B 341 0.42 3.22 -3.79
C ALA B 341 0.37 4.69 -3.34
N SER B 342 1.51 5.19 -2.83
CA SER B 342 1.67 6.57 -2.40
C SER B 342 2.38 7.31 -3.50
N SER B 343 1.90 8.48 -3.85
CA SER B 343 2.50 9.29 -4.91
C SER B 343 3.78 10.05 -4.45
N ASP B 344 4.25 9.82 -3.20
CA ASP B 344 5.45 10.46 -2.65
C ASP B 344 6.73 9.91 -3.29
N CYS B 345 6.80 8.60 -3.47
CA CYS B 345 7.91 7.95 -4.15
C CYS B 345 7.35 6.79 -4.99
N SER B 346 8.11 6.30 -5.98
CA SER B 346 7.65 5.27 -6.89
C SER B 346 7.39 3.90 -6.25
N THR B 347 7.83 3.67 -4.99
CA THR B 347 7.65 2.40 -4.27
C THR B 347 7.02 2.62 -2.86
N CYS B 348 6.55 3.84 -2.60
CA CYS B 348 5.94 4.24 -1.34
C CYS B 348 4.51 3.74 -1.22
N PHE B 349 4.12 3.43 0.01
CA PHE B 349 2.78 2.99 0.36
C PHE B 349 2.19 3.92 1.39
N VAL B 350 0.89 4.13 1.29
CA VAL B 350 0.13 4.98 2.20
C VAL B 350 -1.20 4.32 2.51
N SER B 351 -1.69 4.56 3.72
CA SER B 351 -2.95 4.04 4.20
C SER B 351 -3.98 5.16 4.04
N GLN B 352 -5.07 4.85 3.34
CA GLN B 352 -6.15 5.80 3.12
C GLN B 352 -7.48 5.13 3.42
N SER B 353 -8.51 5.94 3.68
CA SER B 353 -9.85 5.49 4.03
C SER B 353 -10.94 6.25 3.30
N GLY B 354 -12.01 5.54 2.97
CA GLY B 354 -13.17 6.10 2.30
C GLY B 354 -13.91 5.13 1.42
N THR B 355 -15.08 5.57 0.95
CA THR B 355 -15.93 4.79 0.05
C THR B 355 -15.26 4.64 -1.31
N SER B 356 -14.28 5.51 -1.63
CA SER B 356 -13.49 5.49 -2.86
C SER B 356 -12.64 4.21 -2.87
N GLN B 357 -12.02 3.87 -1.71
CA GLN B 357 -11.19 2.68 -1.54
C GLN B 357 -12.05 1.43 -1.58
N ALA B 358 -13.30 1.53 -1.05
CA ALA B 358 -14.25 0.42 -1.03
C ALA B 358 -14.78 0.15 -2.44
N ALA B 359 -15.09 1.21 -3.22
CA ALA B 359 -15.56 1.12 -4.61
C ALA B 359 -14.46 0.55 -5.51
N ALA B 360 -13.18 0.97 -5.29
CA ALA B 360 -12.03 0.48 -6.05
C ALA B 360 -11.79 -1.02 -5.80
N HIS B 361 -12.10 -1.48 -4.58
CA HIS B 361 -11.98 -2.88 -4.17
C HIS B 361 -12.98 -3.74 -4.99
N VAL B 362 -14.23 -3.24 -5.15
CA VAL B 362 -15.31 -3.91 -5.88
C VAL B 362 -15.02 -3.90 -7.38
N ALA B 363 -14.39 -2.81 -7.89
CA ALA B 363 -14.01 -2.72 -9.31
C ALA B 363 -12.93 -3.79 -9.62
N GLY B 364 -12.08 -4.10 -8.63
CA GLY B 364 -11.04 -5.12 -8.69
C GLY B 364 -11.65 -6.51 -8.83
N ILE B 365 -12.67 -6.82 -7.98
CA ILE B 365 -13.41 -8.08 -7.98
C ILE B 365 -14.10 -8.24 -9.34
N ALA B 366 -14.84 -7.20 -9.79
CA ALA B 366 -15.55 -7.17 -11.06
C ALA B 366 -14.62 -7.43 -12.26
N ALA B 367 -13.39 -6.87 -12.24
CA ALA B 367 -12.41 -7.08 -13.32
C ALA B 367 -11.94 -8.53 -13.38
N MET B 368 -11.79 -9.17 -12.19
CA MET B 368 -11.37 -10.57 -12.10
C MET B 368 -12.45 -11.51 -12.58
N MET B 369 -13.73 -11.14 -12.35
CA MET B 369 -14.91 -11.89 -12.77
C MET B 369 -15.04 -11.83 -14.28
N LEU B 370 -14.81 -10.63 -14.86
CA LEU B 370 -14.88 -10.37 -16.30
C LEU B 370 -13.67 -10.90 -17.07
N SER B 371 -12.55 -11.18 -16.38
CA SER B 371 -11.37 -11.74 -17.03
C SER B 371 -11.66 -13.22 -17.29
N ALA B 372 -12.26 -13.89 -16.28
CA ALA B 372 -12.64 -15.29 -16.35
C ALA B 372 -13.88 -15.50 -17.22
N GLU B 373 -14.91 -14.64 -17.07
CA GLU B 373 -16.16 -14.70 -17.82
C GLU B 373 -16.47 -13.33 -18.45
N PRO B 374 -15.88 -13.01 -19.62
CA PRO B 374 -16.12 -11.70 -20.24
C PRO B 374 -17.54 -11.46 -20.78
N GLU B 375 -18.40 -12.49 -20.77
CA GLU B 375 -19.75 -12.35 -21.30
C GLU B 375 -20.82 -12.20 -20.22
N LEU B 376 -20.38 -11.94 -18.97
CA LEU B 376 -21.28 -11.72 -17.84
C LEU B 376 -21.94 -10.38 -18.02
N THR B 377 -23.26 -10.35 -17.89
CA THR B 377 -24.00 -9.11 -17.98
C THR B 377 -23.90 -8.41 -16.62
N LEU B 378 -24.34 -7.15 -16.55
CA LEU B 378 -24.36 -6.36 -15.32
C LEU B 378 -25.31 -7.02 -14.29
N ALA B 379 -26.49 -7.52 -14.73
CA ALA B 379 -27.44 -8.19 -13.83
C ALA B 379 -26.81 -9.43 -13.22
N GLU B 380 -26.04 -10.20 -14.02
CA GLU B 380 -25.35 -11.42 -13.56
C GLU B 380 -24.22 -11.09 -12.61
N LEU B 381 -23.48 -10.00 -12.92
CA LEU B 381 -22.37 -9.53 -12.11
C LEU B 381 -22.84 -8.95 -10.77
N ARG B 382 -23.95 -8.19 -10.76
CA ARG B 382 -24.52 -7.63 -9.52
C ARG B 382 -24.96 -8.78 -8.59
N GLN B 383 -25.67 -9.80 -9.14
CA GLN B 383 -26.15 -10.97 -8.40
C GLN B 383 -25.02 -11.80 -7.79
N ARG B 384 -23.89 -11.94 -8.53
CA ARG B 384 -22.72 -12.68 -8.08
C ARG B 384 -22.01 -11.98 -6.95
N LEU B 385 -21.93 -10.63 -7.01
CA LEU B 385 -21.29 -9.84 -5.96
C LEU B 385 -22.05 -10.03 -4.65
N ILE B 386 -23.39 -10.00 -4.73
CA ILE B 386 -24.31 -10.19 -3.60
C ILE B 386 -24.21 -11.62 -3.08
N HIS B 387 -24.19 -12.60 -3.99
CA HIS B 387 -24.09 -14.02 -3.66
C HIS B 387 -22.74 -14.34 -3.00
N PHE B 388 -21.64 -13.72 -3.46
CA PHE B 388 -20.29 -13.93 -2.94
C PHE B 388 -19.95 -13.19 -1.66
N SER B 389 -20.77 -12.20 -1.29
CA SER B 389 -20.56 -11.40 -0.10
C SER B 389 -20.72 -12.16 1.18
N ALA B 390 -20.05 -11.69 2.23
CA ALA B 390 -20.13 -12.21 3.58
C ALA B 390 -21.45 -11.68 4.09
N LYS B 391 -22.18 -12.47 4.86
CA LYS B 391 -23.49 -12.10 5.35
C LYS B 391 -23.53 -11.92 6.84
N ASP B 392 -24.40 -11.01 7.29
CA ASP B 392 -24.71 -10.71 8.69
C ASP B 392 -23.51 -10.39 9.60
N VAL B 393 -22.38 -9.92 9.02
CA VAL B 393 -21.16 -9.61 9.77
C VAL B 393 -21.10 -8.14 10.26
N ILE B 394 -22.07 -7.32 9.84
CA ILE B 394 -22.15 -5.92 10.23
C ILE B 394 -23.17 -5.76 11.33
N ASN B 395 -22.78 -5.04 12.40
CA ASN B 395 -23.72 -4.74 13.48
C ASN B 395 -24.48 -3.53 12.96
N GLU B 396 -25.79 -3.68 12.76
CA GLU B 396 -26.65 -2.64 12.21
C GLU B 396 -26.96 -1.51 13.18
N ALA B 397 -26.47 -1.60 14.42
CA ALA B 397 -26.69 -0.56 15.44
C ALA B 397 -26.02 0.76 15.05
N TRP B 398 -25.00 0.68 14.15
CA TRP B 398 -24.27 1.84 13.65
C TRP B 398 -25.14 2.72 12.78
N PHE B 399 -26.05 2.08 12.01
CA PHE B 399 -27.00 2.75 11.12
C PHE B 399 -28.18 3.29 11.88
N PRO B 400 -28.81 4.38 11.40
CA PRO B 400 -29.99 4.92 12.08
C PRO B 400 -31.03 3.81 12.03
N GLU B 401 -31.94 3.77 13.01
CA GLU B 401 -32.99 2.78 13.12
C GLU B 401 -33.83 2.57 11.84
N ASP B 402 -34.27 3.67 11.19
CA ASP B 402 -35.10 3.63 9.98
C ASP B 402 -34.35 3.15 8.71
N GLN B 403 -33.03 2.94 8.83
CA GLN B 403 -32.16 2.52 7.72
C GLN B 403 -31.65 1.09 7.82
N ARG B 404 -31.84 0.42 8.96
CA ARG B 404 -31.37 -0.94 9.22
C ARG B 404 -31.98 -2.00 8.30
N VAL B 405 -33.29 -1.90 8.03
CA VAL B 405 -33.98 -2.85 7.16
C VAL B 405 -33.61 -2.63 5.69
N LEU B 406 -33.36 -1.36 5.30
CA LEU B 406 -32.99 -0.88 3.97
C LEU B 406 -31.53 -1.16 3.59
N THR B 407 -30.60 -1.06 4.56
CA THR B 407 -29.16 -1.26 4.32
C THR B 407 -28.81 -2.75 4.20
N PRO B 408 -28.17 -3.15 3.07
CA PRO B 408 -27.80 -4.57 2.92
C PRO B 408 -26.64 -4.92 3.85
N ASN B 409 -26.74 -6.09 4.51
CA ASN B 409 -25.68 -6.55 5.41
C ASN B 409 -24.76 -7.45 4.59
N LEU B 410 -23.99 -6.82 3.68
CA LEU B 410 -23.08 -7.51 2.77
C LEU B 410 -21.72 -6.85 2.73
N VAL B 411 -20.66 -7.66 2.84
CA VAL B 411 -19.28 -7.21 2.73
C VAL B 411 -18.67 -8.03 1.58
N ALA B 412 -18.16 -7.35 0.54
CA ALA B 412 -17.56 -7.93 -0.66
C ALA B 412 -16.50 -8.98 -0.38
N ALA B 413 -16.51 -10.03 -1.20
CA ALA B 413 -15.58 -11.14 -1.16
C ALA B 413 -15.52 -11.81 -2.52
N LEU B 414 -14.44 -12.55 -2.74
CA LEU B 414 -14.23 -13.33 -3.94
C LEU B 414 -13.80 -14.71 -3.46
N PRO B 415 -14.79 -15.61 -3.25
CA PRO B 415 -14.48 -16.96 -2.76
C PRO B 415 -13.97 -17.87 -3.87
N PRO B 416 -13.38 -19.05 -3.51
CA PRO B 416 -12.89 -19.97 -4.56
C PRO B 416 -14.03 -20.33 -5.48
N SER B 417 -13.75 -20.35 -6.79
CA SER B 417 -14.72 -20.62 -7.85
C SER B 417 -15.18 -22.10 -7.92
N THR B 418 -16.16 -22.36 -8.81
CA THR B 418 -16.78 -23.65 -9.10
C THR B 418 -17.04 -23.80 -10.63
N GLY B 422 -23.58 -26.14 -11.83
CA GLY B 422 -24.07 -25.49 -13.04
C GLY B 422 -24.96 -24.31 -12.74
N TRP B 423 -26.13 -24.24 -13.41
CA TRP B 423 -27.09 -23.16 -13.22
C TRP B 423 -27.77 -23.27 -11.85
N GLN B 424 -27.82 -22.14 -11.14
CA GLN B 424 -28.46 -22.04 -9.83
C GLN B 424 -29.32 -20.78 -9.78
N LEU B 425 -30.27 -20.74 -8.83
CA LEU B 425 -31.17 -19.61 -8.66
C LEU B 425 -30.59 -18.56 -7.74
N PHE B 426 -30.44 -17.33 -8.26
CA PHE B 426 -29.92 -16.19 -7.51
C PHE B 426 -30.98 -15.12 -7.46
N CYS B 427 -31.31 -14.71 -6.23
CA CYS B 427 -32.31 -13.70 -5.95
C CYS B 427 -31.74 -12.64 -5.06
N ARG B 428 -32.29 -11.45 -5.17
CA ARG B 428 -31.91 -10.31 -4.34
C ARG B 428 -33.16 -9.49 -3.99
N THR B 429 -33.07 -8.69 -2.94
CA THR B 429 -34.17 -7.87 -2.48
C THR B 429 -33.96 -6.41 -2.83
N VAL B 430 -35.01 -5.78 -3.38
CA VAL B 430 -35.01 -4.37 -3.69
C VAL B 430 -36.11 -3.66 -2.87
N TRP B 431 -35.79 -2.47 -2.35
CA TRP B 431 -36.73 -1.69 -1.54
C TRP B 431 -37.15 -0.46 -2.32
N SER B 432 -38.45 -0.19 -2.33
CA SER B 432 -38.99 0.98 -3.01
C SER B 432 -38.72 2.20 -2.15
N ALA B 433 -39.06 3.37 -2.69
CA ALA B 433 -38.96 4.63 -1.96
C ALA B 433 -40.18 4.59 -1.05
N HIS B 434 -40.16 5.37 0.04
CA HIS B 434 -41.27 5.45 0.97
C HIS B 434 -42.41 6.16 0.20
N SER B 435 -43.66 5.67 0.34
CA SER B 435 -44.84 6.22 -0.34
C SER B 435 -45.27 7.61 0.17
N GLY B 436 -45.08 7.89 1.45
CA GLY B 436 -45.51 9.15 2.03
C GLY B 436 -46.95 9.14 2.48
N PRO B 437 -47.38 10.14 3.31
CA PRO B 437 -48.75 10.16 3.85
C PRO B 437 -49.83 10.64 2.88
N THR B 438 -50.68 9.71 2.42
CA THR B 438 -51.83 9.85 1.54
C THR B 438 -52.51 8.48 1.59
N ARG B 439 -53.86 8.47 1.69
CA ARG B 439 -54.64 7.24 1.71
C ARG B 439 -54.50 6.51 0.38
N MET B 440 -54.28 7.26 -0.73
CA MET B 440 -54.10 6.72 -2.07
C MET B 440 -52.61 6.68 -2.50
N ALA B 441 -51.68 6.90 -1.53
CA ALA B 441 -50.24 6.87 -1.81
C ALA B 441 -49.81 5.45 -2.15
N THR B 442 -48.82 5.34 -3.04
CA THR B 442 -48.32 4.09 -3.56
C THR B 442 -46.79 4.02 -3.63
N ALA B 443 -46.24 2.92 -3.11
CA ALA B 443 -44.82 2.63 -3.17
C ALA B 443 -44.69 1.58 -4.27
N ILE B 444 -43.74 1.76 -5.21
CA ILE B 444 -43.54 0.83 -6.32
C ILE B 444 -42.10 0.35 -6.33
N ALA B 445 -41.93 -0.95 -6.28
CA ALA B 445 -40.63 -1.56 -6.34
C ALA B 445 -40.59 -2.37 -7.62
N ARG B 446 -39.55 -2.17 -8.43
CA ARG B 446 -39.38 -2.90 -9.69
C ARG B 446 -38.01 -3.52 -9.67
N CYS B 447 -37.78 -4.45 -10.60
CA CYS B 447 -36.50 -5.11 -10.71
C CYS B 447 -35.67 -4.47 -11.79
N ALA B 448 -34.39 -4.78 -11.80
CA ALA B 448 -33.44 -4.26 -12.78
C ALA B 448 -33.61 -4.98 -14.11
N PRO B 449 -33.19 -4.35 -15.25
CA PRO B 449 -33.33 -5.03 -16.56
C PRO B 449 -32.58 -6.35 -16.48
N ASP B 450 -33.09 -7.40 -17.14
CA ASP B 450 -32.57 -8.78 -17.21
C ASP B 450 -32.89 -9.60 -15.94
N GLU B 451 -33.70 -9.03 -15.04
CA GLU B 451 -34.12 -9.67 -13.81
C GLU B 451 -35.59 -9.92 -13.87
N GLU B 452 -36.04 -10.91 -13.10
CA GLU B 452 -37.43 -11.31 -12.99
C GLU B 452 -37.92 -11.04 -11.58
N LEU B 453 -39.11 -10.44 -11.46
CA LEU B 453 -39.73 -10.18 -10.17
C LEU B 453 -40.51 -11.46 -9.84
N LEU B 454 -40.21 -12.08 -8.68
CA LEU B 454 -40.89 -13.32 -8.30
C LEU B 454 -41.88 -13.15 -7.17
N SER B 455 -41.74 -12.09 -6.38
CA SER B 455 -42.63 -11.83 -5.25
C SER B 455 -42.63 -10.37 -4.89
N CYS B 456 -43.65 -9.99 -4.14
CA CYS B 456 -43.91 -8.64 -3.70
C CYS B 456 -44.44 -8.69 -2.27
N SER B 457 -43.86 -7.88 -1.41
CA SER B 457 -44.30 -7.78 -0.04
C SER B 457 -44.35 -6.28 0.29
N SER B 458 -44.85 -5.94 1.48
CA SER B 458 -44.97 -4.55 1.90
C SER B 458 -44.63 -4.40 3.36
N PHE B 459 -44.33 -3.17 3.77
CA PHE B 459 -43.96 -2.88 5.15
C PHE B 459 -44.29 -1.46 5.56
N SER B 460 -44.74 -1.30 6.80
CA SER B 460 -45.05 -0.01 7.38
C SER B 460 -44.62 -0.06 8.84
N ARG B 461 -43.88 0.96 9.29
CA ARG B 461 -43.40 1.04 10.68
C ARG B 461 -44.55 1.20 11.69
N SER B 462 -45.71 1.75 11.26
CA SER B 462 -46.91 1.96 12.09
C SER B 462 -47.87 0.75 12.03
N GLY B 463 -47.85 0.06 10.89
CA GLY B 463 -48.71 -1.10 10.64
C GLY B 463 -49.96 -0.75 9.86
N LYS B 464 -50.27 0.57 9.74
CA LYS B 464 -51.44 1.08 9.01
C LYS B 464 -51.14 0.93 7.51
N ARG B 465 -51.58 -0.21 6.95
CA ARG B 465 -51.39 -0.54 5.53
C ARG B 465 -52.55 -1.33 4.93
N ARG B 466 -52.60 -1.38 3.59
CA ARG B 466 -53.65 -2.12 2.90
C ARG B 466 -53.09 -3.22 1.98
N GLY B 467 -51.93 -3.75 2.35
CA GLY B 467 -51.22 -4.78 1.62
C GLY B 467 -50.50 -4.32 0.38
N GLU B 468 -50.30 -5.27 -0.54
CA GLU B 468 -49.60 -5.10 -1.81
C GLU B 468 -50.19 -5.96 -2.92
N ARG B 469 -49.79 -5.66 -4.16
CA ARG B 469 -50.22 -6.39 -5.33
C ARG B 469 -49.20 -6.34 -6.43
N MET B 470 -49.17 -7.40 -7.23
CA MET B 470 -48.30 -7.50 -8.38
C MET B 470 -49.16 -7.21 -9.59
N GLU B 471 -48.61 -6.43 -10.50
CA GLU B 471 -49.30 -6.07 -11.72
C GLU B 471 -48.30 -5.97 -12.85
N ALA B 472 -48.76 -6.25 -14.07
CA ALA B 472 -47.92 -6.21 -15.26
C ALA B 472 -47.86 -4.80 -15.84
N GLN B 473 -46.63 -4.31 -16.03
CA GLN B 473 -46.32 -3.02 -16.62
C GLN B 473 -45.16 -3.34 -17.54
N GLY B 474 -45.40 -3.11 -18.83
CA GLY B 474 -44.46 -3.46 -19.88
C GLY B 474 -44.66 -4.96 -20.04
N GLY B 475 -43.56 -5.70 -20.03
CA GLY B 475 -43.63 -7.16 -20.13
C GLY B 475 -43.23 -7.83 -18.83
N LYS B 476 -43.02 -7.01 -17.78
CA LYS B 476 -42.59 -7.45 -16.45
C LYS B 476 -43.59 -7.10 -15.37
N LEU B 477 -43.47 -7.78 -14.23
CA LEU B 477 -44.32 -7.58 -13.07
C LEU B 477 -43.68 -6.56 -12.18
N VAL B 478 -44.50 -5.75 -11.52
CA VAL B 478 -44.05 -4.71 -10.60
C VAL B 478 -44.69 -4.94 -9.24
N CYS B 479 -44.00 -4.50 -8.19
CA CYS B 479 -44.46 -4.63 -6.82
C CYS B 479 -45.08 -3.30 -6.41
N ARG B 480 -46.39 -3.30 -6.14
CA ARG B 480 -47.13 -2.11 -5.76
C ARG B 480 -47.70 -2.25 -4.35
N ALA B 481 -47.28 -1.39 -3.44
CA ALA B 481 -47.77 -1.40 -2.07
C ALA B 481 -48.78 -0.29 -1.87
N HIS B 482 -49.77 -0.56 -1.01
CA HIS B 482 -50.85 0.38 -0.71
C HIS B 482 -50.84 0.89 0.70
N ASN B 483 -51.09 2.19 0.86
CA ASN B 483 -51.15 2.82 2.17
C ASN B 483 -52.60 2.86 2.65
N ALA B 484 -52.79 2.82 3.97
CA ALA B 484 -54.11 2.88 4.58
C ALA B 484 -54.38 4.35 4.95
N PHE B 485 -55.67 4.71 5.17
CA PHE B 485 -56.09 6.07 5.56
C PHE B 485 -55.51 6.34 6.95
N GLY B 486 -54.78 7.43 7.07
CA GLY B 486 -54.13 7.85 8.32
C GLY B 486 -52.82 7.10 8.57
N GLY B 487 -52.28 6.54 7.50
CA GLY B 487 -51.01 5.80 7.53
C GLY B 487 -49.86 6.71 7.21
N GLU B 488 -48.69 6.45 7.85
CA GLU B 488 -47.46 7.22 7.67
C GLU B 488 -46.83 7.00 6.26
N GLY B 489 -47.21 5.90 5.64
CA GLY B 489 -46.71 5.52 4.34
C GLY B 489 -46.14 4.12 4.40
N VAL B 490 -46.04 3.48 3.24
CA VAL B 490 -45.54 2.11 3.11
C VAL B 490 -44.33 1.97 2.18
N TYR B 491 -43.66 0.82 2.28
CA TYR B 491 -42.54 0.41 1.45
C TYR B 491 -43.02 -0.81 0.68
N ALA B 492 -42.64 -0.90 -0.59
CA ALA B 492 -42.94 -2.02 -1.46
C ALA B 492 -41.61 -2.76 -1.55
N ILE B 493 -41.64 -4.06 -1.32
CA ILE B 493 -40.43 -4.89 -1.34
C ILE B 493 -40.55 -5.94 -2.42
N ALA B 494 -39.60 -5.95 -3.35
CA ALA B 494 -39.56 -6.91 -4.44
C ALA B 494 -38.42 -7.91 -4.29
N ARG B 495 -38.62 -9.10 -4.88
CA ARG B 495 -37.65 -10.17 -4.92
C ARG B 495 -37.27 -10.30 -6.39
N CYS B 496 -36.03 -9.89 -6.70
CA CYS B 496 -35.44 -9.84 -8.03
C CYS B 496 -34.47 -10.98 -8.27
N CYS B 497 -34.83 -11.85 -9.21
CA CYS B 497 -34.07 -13.03 -9.55
C CYS B 497 -33.63 -13.13 -10.98
N LEU B 498 -32.60 -13.96 -11.23
CA LEU B 498 -32.10 -14.26 -12.57
C LEU B 498 -32.72 -15.60 -12.93
N LEU B 499 -33.76 -15.54 -13.75
CA LEU B 499 -34.52 -16.69 -14.21
C LEU B 499 -34.87 -16.34 -15.66
N PRO B 500 -34.01 -16.71 -16.62
CA PRO B 500 -34.26 -16.35 -18.03
C PRO B 500 -35.50 -16.92 -18.70
N GLN B 501 -36.21 -16.02 -19.43
CA GLN B 501 -37.43 -16.27 -20.19
C GLN B 501 -38.53 -16.95 -19.32
N ALA B 502 -38.61 -16.56 -18.03
CA ALA B 502 -39.58 -17.10 -17.09
C ALA B 502 -41.00 -16.64 -17.42
N ASN B 503 -41.15 -15.43 -17.98
CA ASN B 503 -42.44 -14.84 -18.36
C ASN B 503 -43.46 -14.97 -17.21
N CYS B 504 -43.08 -14.45 -16.04
CA CYS B 504 -43.91 -14.48 -14.84
C CYS B 504 -45.20 -13.72 -15.07
N SER B 505 -46.31 -14.35 -14.69
CA SER B 505 -47.63 -13.77 -14.80
C SER B 505 -48.25 -13.73 -13.42
N VAL B 506 -49.14 -12.75 -13.21
CA VAL B 506 -49.86 -12.56 -11.97
C VAL B 506 -51.27 -13.16 -12.13
N HIS B 507 -51.70 -13.93 -11.11
CA HIS B 507 -53.00 -14.55 -11.11
C HIS B 507 -53.76 -14.12 -9.87
N THR B 508 -54.84 -13.36 -10.10
CA THR B 508 -55.65 -12.75 -9.06
C THR B 508 -57.05 -13.34 -8.86
N ALA B 509 -57.39 -13.57 -7.59
CA ALA B 509 -58.70 -14.04 -7.19
C ALA B 509 -59.35 -12.89 -6.39
N PRO B 510 -60.62 -12.51 -6.69
CA PRO B 510 -61.27 -11.41 -5.96
C PRO B 510 -61.69 -11.85 -4.55
N PRO B 511 -62.02 -10.91 -3.61
CA PRO B 511 -62.40 -11.34 -2.25
C PRO B 511 -63.66 -12.19 -2.36
N ALA B 512 -63.68 -13.32 -1.63
CA ALA B 512 -64.78 -14.27 -1.64
C ALA B 512 -65.87 -14.01 -0.59
N GLU B 513 -65.47 -13.49 0.61
CA GLU B 513 -66.33 -13.22 1.79
C GLU B 513 -66.97 -14.55 2.21
N ALA B 514 -66.16 -15.62 2.14
CA ALA B 514 -66.56 -16.99 2.47
C ALA B 514 -65.56 -17.56 3.47
N SER B 515 -65.74 -18.85 3.84
CA SER B 515 -64.87 -19.52 4.81
C SER B 515 -63.54 -19.89 4.17
N GLY B 517 -60.53 -18.92 2.99
CA GLY B 517 -60.98 -17.62 2.53
C GLY B 517 -60.87 -17.54 1.03
N THR B 518 -59.98 -16.65 0.55
CA THR B 518 -59.71 -16.47 -0.87
C THR B 518 -58.55 -17.40 -1.25
N ARG B 519 -58.60 -17.98 -2.45
CA ARG B 519 -57.56 -18.92 -2.90
C ARG B 519 -57.29 -18.82 -4.39
N VAL B 520 -56.02 -19.02 -4.76
CA VAL B 520 -55.52 -19.02 -6.14
C VAL B 520 -54.27 -19.90 -6.24
N HIS B 521 -54.07 -20.55 -7.39
CA HIS B 521 -52.91 -21.42 -7.61
C HIS B 521 -52.38 -21.29 -9.05
N CYS B 522 -51.19 -21.85 -9.30
CA CYS B 522 -50.57 -21.84 -10.62
C CYS B 522 -51.01 -23.15 -11.26
N HIS B 523 -51.71 -23.06 -12.38
CA HIS B 523 -52.24 -24.23 -13.08
C HIS B 523 -51.52 -24.54 -14.40
N GLN B 524 -50.80 -23.56 -14.99
CA GLN B 524 -50.08 -23.76 -16.26
C GLN B 524 -48.99 -24.82 -16.21
N GLN B 525 -48.68 -25.37 -17.38
CA GLN B 525 -47.67 -26.37 -17.60
C GLN B 525 -46.27 -25.73 -17.43
N GLY B 526 -45.45 -26.38 -16.62
CA GLY B 526 -44.08 -25.97 -16.30
C GLY B 526 -43.97 -24.71 -15.47
N HIS B 527 -45.09 -24.33 -14.80
CA HIS B 527 -45.16 -23.15 -13.96
C HIS B 527 -45.05 -23.49 -12.51
N VAL B 528 -44.41 -22.59 -11.76
CA VAL B 528 -44.20 -22.73 -10.32
C VAL B 528 -44.71 -21.48 -9.63
N LEU B 529 -45.12 -21.63 -8.38
CA LEU B 529 -45.58 -20.51 -7.59
C LEU B 529 -44.34 -19.95 -6.90
N THR B 530 -44.04 -18.66 -7.14
CA THR B 530 -42.85 -18.01 -6.58
C THR B 530 -43.17 -17.02 -5.46
N GLY B 531 -44.35 -16.41 -5.50
CA GLY B 531 -44.78 -15.45 -4.50
C GLY B 531 -46.29 -15.31 -4.32
N CYS B 532 -46.68 -14.93 -3.11
CA CYS B 532 -48.06 -14.72 -2.71
C CYS B 532 -48.21 -13.29 -2.19
N SER B 533 -49.05 -12.50 -2.84
CA SER B 533 -49.31 -11.12 -2.44
C SER B 533 -50.79 -10.94 -2.15
N SER B 534 -51.14 -9.96 -1.32
CA SER B 534 -52.53 -9.70 -0.96
C SER B 534 -52.74 -8.25 -0.57
N HIS B 535 -53.81 -7.65 -1.09
CA HIS B 535 -54.19 -6.28 -0.79
C HIS B 535 -55.70 -6.23 -0.52
N TRP B 536 -56.13 -5.22 0.22
CA TRP B 536 -57.54 -5.06 0.55
C TRP B 536 -57.93 -3.60 0.47
N GLU B 537 -59.19 -3.33 0.10
CA GLU B 537 -59.76 -2.00 -0.06
C GLU B 537 -60.32 -1.45 1.25
N VAL B 538 -60.68 -2.35 2.18
CA VAL B 538 -61.25 -2.01 3.47
C VAL B 538 -60.20 -1.34 4.40
N GLU B 539 -60.67 -0.39 5.25
CA GLU B 539 -59.81 0.34 6.19
C GLU B 539 -59.44 -0.51 7.42
N ASP B 540 -60.26 -1.54 7.75
CA ASP B 540 -60.03 -2.45 8.87
C ASP B 540 -60.72 -3.80 8.59
N LEU B 541 -59.91 -4.87 8.50
CA LEU B 541 -60.40 -6.22 8.23
C LEU B 541 -61.02 -6.84 9.49
N ASN B 556 -48.93 -25.57 -3.89
CA ASN B 556 -48.69 -24.46 -4.80
C ASN B 556 -49.89 -23.48 -4.81
N GLN B 557 -50.36 -23.10 -3.60
CA GLN B 557 -51.50 -22.20 -3.45
C GLN B 557 -51.25 -21.02 -2.52
N CYS B 558 -51.85 -19.86 -2.86
CA CYS B 558 -51.81 -18.63 -2.08
C CYS B 558 -53.16 -18.50 -1.40
N VAL B 559 -53.16 -18.17 -0.12
CA VAL B 559 -54.38 -17.97 0.67
C VAL B 559 -54.34 -16.57 1.28
N GLY B 560 -55.49 -15.94 1.34
CA GLY B 560 -55.60 -14.60 1.90
C GLY B 560 -56.83 -14.45 2.76
N HIS B 561 -57.05 -13.23 3.26
CA HIS B 561 -58.22 -12.90 4.08
C HIS B 561 -59.41 -12.87 3.12
N ARG B 562 -60.62 -13.27 3.59
CA ARG B 562 -61.85 -13.30 2.80
C ARG B 562 -62.24 -11.92 2.24
N GLU B 563 -61.80 -10.82 2.89
CA GLU B 563 -62.10 -9.44 2.46
C GLU B 563 -60.99 -8.84 1.59
N ALA B 564 -59.98 -9.66 1.25
CA ALA B 564 -58.84 -9.22 0.46
C ALA B 564 -58.67 -10.00 -0.82
N SER B 565 -58.05 -9.37 -1.83
CA SER B 565 -57.73 -10.01 -3.10
C SER B 565 -56.43 -10.77 -2.85
N ILE B 566 -56.25 -11.89 -3.55
CA ILE B 566 -55.05 -12.71 -3.45
C ILE B 566 -54.35 -12.73 -4.81
N HIS B 567 -53.03 -12.61 -4.80
CA HIS B 567 -52.19 -12.55 -6.00
C HIS B 567 -51.11 -13.62 -5.99
N ALA B 568 -50.97 -14.33 -7.10
CA ALA B 568 -50.00 -15.39 -7.27
C ALA B 568 -49.07 -15.11 -8.42
N SER B 569 -47.77 -15.27 -8.19
CA SER B 569 -46.76 -15.10 -9.22
C SER B 569 -46.48 -16.51 -9.75
N CYS B 570 -46.79 -16.71 -11.02
CA CYS B 570 -46.61 -17.98 -11.71
C CYS B 570 -45.57 -17.82 -12.81
N CYS B 571 -44.39 -18.39 -12.56
CA CYS B 571 -43.24 -18.33 -13.43
C CYS B 571 -42.99 -19.64 -14.18
N HIS B 572 -42.79 -19.56 -15.50
CA HIS B 572 -42.50 -20.73 -16.33
C HIS B 572 -41.05 -21.12 -16.09
N ALA B 573 -40.83 -22.17 -15.29
CA ALA B 573 -39.50 -22.66 -14.95
C ALA B 573 -39.52 -24.18 -14.66
N PRO B 574 -39.41 -25.03 -15.72
CA PRO B 574 -39.42 -26.50 -15.53
C PRO B 574 -38.23 -27.04 -14.72
N GLY B 575 -37.11 -26.31 -14.71
CA GLY B 575 -35.90 -26.66 -13.97
C GLY B 575 -35.96 -26.42 -12.48
N LEU B 576 -37.00 -25.71 -11.99
CA LEU B 576 -37.15 -25.40 -10.56
C LEU B 576 -38.11 -26.31 -9.85
N GLU B 577 -37.86 -26.50 -8.56
CA GLU B 577 -38.71 -27.22 -7.66
C GLU B 577 -38.85 -26.28 -6.48
N CYS B 578 -40.09 -25.94 -6.17
CA CYS B 578 -40.43 -25.01 -5.11
C CYS B 578 -41.23 -25.67 -4.03
N LYS B 579 -41.07 -25.17 -2.81
CA LYS B 579 -41.80 -25.62 -1.65
C LYS B 579 -42.10 -24.45 -0.70
N VAL B 580 -42.85 -24.71 0.36
CA VAL B 580 -43.25 -23.73 1.35
C VAL B 580 -42.78 -24.15 2.74
N LYS B 581 -42.17 -23.21 3.48
CA LYS B 581 -41.71 -23.43 4.84
C LYS B 581 -42.40 -22.40 5.69
N GLU B 582 -43.00 -22.86 6.79
CA GLU B 582 -43.74 -22.01 7.72
C GLU B 582 -43.22 -22.18 9.13
N HIS B 583 -43.45 -21.17 9.95
CA HIS B 583 -43.12 -21.11 11.36
C HIS B 583 -44.01 -20.06 11.99
N GLY B 584 -44.80 -20.50 12.96
CA GLY B 584 -45.74 -19.67 13.70
C GLY B 584 -45.39 -19.52 15.15
N ILE B 585 -45.64 -18.31 15.69
CA ILE B 585 -45.42 -17.95 17.10
C ILE B 585 -46.70 -17.31 17.69
N PRO B 586 -47.26 -17.87 18.79
CA PRO B 586 -48.51 -17.31 19.38
C PRO B 586 -48.43 -15.87 19.90
N ALA B 587 -47.50 -15.56 20.83
CA ALA B 587 -47.33 -14.19 21.39
C ALA B 587 -45.95 -13.73 20.89
N PRO B 588 -45.81 -13.22 19.64
CA PRO B 588 -44.46 -12.86 19.15
C PRO B 588 -43.79 -11.62 19.74
N GLN B 589 -42.47 -11.78 19.96
CA GLN B 589 -41.62 -10.72 20.46
C GLN B 589 -41.04 -9.95 19.24
N GLU B 590 -41.86 -9.01 18.69
CA GLU B 590 -41.57 -8.11 17.56
C GLU B 590 -41.32 -8.72 16.14
N GLN B 591 -40.99 -10.02 16.03
CA GLN B 591 -40.72 -10.63 14.73
C GLN B 591 -40.86 -12.16 14.70
N VAL B 592 -41.24 -12.68 13.52
CA VAL B 592 -41.41 -14.11 13.26
C VAL B 592 -40.52 -14.39 12.05
N THR B 593 -39.69 -15.42 12.19
CA THR B 593 -38.68 -15.85 11.25
C THR B 593 -38.78 -17.30 10.79
N VAL B 594 -38.54 -17.50 9.49
CA VAL B 594 -38.47 -18.80 8.83
C VAL B 594 -37.43 -18.68 7.72
N ALA B 595 -36.51 -19.64 7.61
CA ALA B 595 -35.48 -19.59 6.57
C ALA B 595 -35.52 -20.83 5.70
N CYS B 596 -35.06 -20.69 4.45
CA CYS B 596 -34.97 -21.80 3.49
C CYS B 596 -33.76 -22.65 3.90
N GLU B 597 -33.71 -23.94 3.51
CA GLU B 597 -32.56 -24.79 3.83
C GLU B 597 -31.41 -24.41 2.94
N GLU B 598 -30.28 -25.07 3.16
CA GLU B 598 -29.06 -24.90 2.39
C GLU B 598 -29.32 -25.41 0.97
N GLY B 599 -28.91 -24.63 -0.01
CA GLY B 599 -29.10 -24.96 -1.42
C GLY B 599 -30.40 -24.41 -1.98
N TRP B 600 -31.29 -23.93 -1.09
CA TRP B 600 -32.57 -23.36 -1.49
C TRP B 600 -32.48 -21.84 -1.51
N THR B 601 -33.16 -21.23 -2.48
CA THR B 601 -33.23 -19.78 -2.69
C THR B 601 -34.62 -19.30 -2.33
N LEU B 602 -34.67 -18.29 -1.46
CA LEU B 602 -35.94 -17.69 -1.07
C LEU B 602 -36.44 -16.84 -2.21
N THR B 603 -37.68 -17.09 -2.62
CA THR B 603 -38.31 -16.36 -3.70
C THR B 603 -39.44 -15.49 -3.19
N GLY B 604 -40.09 -15.91 -2.11
CA GLY B 604 -41.22 -15.18 -1.54
C GLY B 604 -41.34 -15.24 -0.04
N CYS B 605 -41.62 -14.07 0.56
CA CYS B 605 -41.82 -13.90 2.00
C CYS B 605 -43.17 -13.23 2.24
N SER B 606 -44.02 -13.90 3.01
CA SER B 606 -45.33 -13.37 3.34
C SER B 606 -45.73 -13.77 4.75
N ALA B 607 -46.71 -13.05 5.28
CA ALA B 607 -47.26 -13.31 6.60
C ALA B 607 -48.57 -14.01 6.34
N LEU B 608 -48.90 -14.97 7.19
CA LEU B 608 -50.14 -15.72 7.06
C LEU B 608 -51.30 -14.80 7.52
N PRO B 609 -52.42 -14.75 6.76
CA PRO B 609 -53.55 -13.88 7.15
C PRO B 609 -54.32 -14.31 8.43
N GLY B 610 -55.28 -13.47 8.81
CA GLY B 610 -56.14 -13.66 9.98
C GLY B 610 -55.44 -13.35 11.29
N THR B 611 -54.21 -12.82 11.17
CA THR B 611 -53.33 -12.43 12.27
C THR B 611 -53.80 -11.12 12.94
N SER B 612 -53.39 -10.94 14.22
CA SER B 612 -53.69 -9.78 15.06
C SER B 612 -53.20 -8.44 14.48
N HIS B 613 -51.87 -8.21 14.46
CA HIS B 613 -51.28 -6.96 13.96
C HIS B 613 -49.86 -7.17 13.46
N VAL B 614 -49.72 -7.21 12.14
CA VAL B 614 -48.44 -7.37 11.45
C VAL B 614 -48.07 -6.07 10.77
N LEU B 615 -46.81 -5.63 10.95
CA LEU B 615 -46.29 -4.40 10.37
C LEU B 615 -46.01 -4.63 8.89
N GLY B 616 -45.51 -5.82 8.58
CA GLY B 616 -45.19 -6.25 7.23
C GLY B 616 -44.25 -7.43 7.18
N ALA B 617 -43.89 -7.81 5.96
CA ALA B 617 -43.00 -8.92 5.69
C ALA B 617 -41.95 -8.52 4.67
N TYR B 618 -40.72 -9.05 4.81
CA TYR B 618 -39.60 -8.81 3.92
C TYR B 618 -38.59 -9.92 4.02
N ALA B 619 -37.89 -10.17 2.92
CA ALA B 619 -36.88 -11.20 2.82
C ALA B 619 -35.48 -10.63 3.12
N VAL B 620 -34.72 -11.34 3.95
CA VAL B 620 -33.35 -10.95 4.28
C VAL B 620 -32.56 -12.17 3.89
N ASP B 621 -32.01 -12.15 2.66
CA ASP B 621 -31.24 -13.24 2.06
C ASP B 621 -32.22 -14.42 1.87
N ASN B 622 -32.02 -15.55 2.57
CA ASN B 622 -32.93 -16.70 2.44
C ASN B 622 -33.85 -16.91 3.66
N THR B 623 -34.09 -15.82 4.39
CA THR B 623 -34.94 -15.79 5.59
C THR B 623 -36.16 -14.88 5.37
N CYS B 624 -37.35 -15.38 5.68
CA CYS B 624 -38.58 -14.63 5.61
C CYS B 624 -38.74 -14.02 6.99
N VAL B 625 -38.86 -12.69 7.02
CA VAL B 625 -39.01 -11.93 8.26
C VAL B 625 -40.38 -11.29 8.26
N VAL B 626 -41.16 -11.59 9.29
CA VAL B 626 -42.49 -11.03 9.48
C VAL B 626 -42.45 -10.18 10.75
N ARG B 627 -42.70 -8.88 10.61
CA ARG B 627 -42.69 -7.94 11.72
C ARG B 627 -44.04 -7.85 12.41
N SER B 628 -44.07 -8.18 13.71
CA SER B 628 -45.29 -8.15 14.53
C SER B 628 -45.33 -6.93 15.46
N ARG B 629 -46.51 -6.67 16.06
CA ARG B 629 -46.74 -5.55 16.99
C ARG B 629 -46.12 -5.86 18.36
N GLU B 640 -54.25 -16.09 17.80
CA GLU B 640 -53.68 -16.96 16.79
C GLU B 640 -52.16 -16.71 16.64
N ALA B 641 -51.42 -17.75 16.22
CA ALA B 641 -49.98 -17.66 15.99
C ALA B 641 -49.66 -16.87 14.73
N VAL B 642 -48.70 -15.93 14.86
CA VAL B 642 -48.25 -15.11 13.74
C VAL B 642 -47.28 -16.02 12.99
N THR B 643 -47.61 -16.31 11.74
CA THR B 643 -46.83 -17.23 10.92
C THR B 643 -46.09 -16.56 9.76
N ALA B 644 -44.77 -16.86 9.68
CA ALA B 644 -43.91 -16.40 8.60
C ALA B 644 -43.96 -17.52 7.54
N VAL B 645 -44.30 -17.15 6.31
CA VAL B 645 -44.42 -18.10 5.18
C VAL B 645 -43.35 -17.83 4.12
N ALA B 646 -42.46 -18.80 3.92
CA ALA B 646 -41.38 -18.70 2.94
C ALA B 646 -41.58 -19.66 1.77
N ILE B 647 -41.45 -19.13 0.55
CA ILE B 647 -41.51 -19.93 -0.68
C ILE B 647 -40.05 -20.08 -1.08
N CYS B 648 -39.55 -21.32 -1.02
CA CYS B 648 -38.18 -21.66 -1.36
C CYS B 648 -38.10 -22.45 -2.66
N CYS B 649 -37.29 -21.97 -3.61
CA CYS B 649 -37.07 -22.62 -4.89
C CYS B 649 -35.61 -22.95 -5.06
N ARG B 650 -35.33 -23.94 -5.89
CA ARG B 650 -33.98 -24.37 -6.23
C ARG B 650 -34.03 -25.14 -7.54
N SER B 651 -32.88 -25.25 -8.20
CA SER B 651 -32.77 -26.00 -9.44
C SER B 651 -32.83 -27.48 -9.09
N ARG B 652 -33.37 -28.31 -10.00
CA ARG B 652 -33.50 -29.75 -9.82
C ARG B 652 -32.15 -30.46 -9.77
N HIS B 653 -31.09 -29.82 -10.31
CA HIS B 653 -29.72 -30.34 -10.35
C HIS B 653 -28.76 -29.53 -9.50
N GLU C 1 31.04 -0.09 -20.50
CA GLU C 1 30.94 -0.34 -19.07
C GLU C 1 30.67 0.93 -18.28
N VAL C 2 30.06 0.78 -17.11
CA VAL C 2 29.77 1.92 -16.24
C VAL C 2 30.86 2.08 -15.17
N GLN C 3 31.48 3.27 -15.13
CA GLN C 3 32.53 3.62 -14.17
C GLN C 3 32.11 4.90 -13.45
N LEU C 4 32.42 4.96 -12.15
CA LEU C 4 32.19 6.11 -11.30
C LEU C 4 33.53 6.36 -10.65
N LEU C 5 34.23 7.37 -11.17
CA LEU C 5 35.54 7.77 -10.71
C LEU C 5 35.48 8.91 -9.72
N GLU C 6 35.85 8.62 -8.49
CA GLU C 6 35.86 9.64 -7.45
C GLU C 6 37.22 10.28 -7.30
N SER C 7 37.23 11.51 -6.80
CA SER C 7 38.45 12.28 -6.58
C SER C 7 38.20 13.34 -5.48
N GLY C 8 39.29 13.81 -4.86
CA GLY C 8 39.27 14.83 -3.81
C GLY C 8 39.47 14.38 -2.38
N GLY C 9 39.94 13.15 -2.19
CA GLY C 9 40.20 12.60 -0.87
C GLY C 9 41.49 13.11 -0.28
N GLY C 10 41.57 13.05 1.04
CA GLY C 10 42.74 13.50 1.78
C GLY C 10 42.42 14.05 3.14
N LEU C 11 43.21 15.04 3.55
CA LEU C 11 43.08 15.69 4.84
C LEU C 11 42.36 17.01 4.79
N VAL C 12 41.50 17.22 5.78
CA VAL C 12 40.75 18.46 5.91
C VAL C 12 40.97 18.96 7.32
N GLN C 13 41.22 20.27 7.44
CA GLN C 13 41.44 20.91 8.74
C GLN C 13 40.09 21.04 9.44
N PRO C 14 40.03 20.94 10.78
CA PRO C 14 38.73 21.08 11.47
C PRO C 14 38.20 22.47 11.17
N GLY C 15 36.94 22.55 10.78
CA GLY C 15 36.30 23.82 10.41
C GLY C 15 36.36 24.07 8.92
N GLY C 16 37.18 23.26 8.25
CA GLY C 16 37.38 23.31 6.81
C GLY C 16 36.29 22.56 6.07
N SER C 17 36.43 22.50 4.75
CA SER C 17 35.43 21.81 3.94
C SER C 17 36.02 20.79 3.01
N LEU C 18 35.30 19.68 2.78
CA LEU C 18 35.73 18.65 1.85
C LEU C 18 35.10 18.98 0.51
N ARG C 19 35.82 18.71 -0.57
CA ARG C 19 35.34 18.97 -1.92
C ARG C 19 35.64 17.76 -2.76
N LEU C 20 34.58 16.97 -3.02
CA LEU C 20 34.66 15.73 -3.77
C LEU C 20 34.00 15.78 -5.13
N SER C 21 34.48 14.94 -6.03
CA SER C 21 33.98 14.80 -7.38
C SER C 21 33.70 13.35 -7.65
N CYS C 22 32.80 13.10 -8.60
CA CYS C 22 32.40 11.79 -9.05
C CYS C 22 32.18 11.92 -10.54
N LYS C 23 33.14 11.38 -11.27
CA LYS C 23 33.19 11.37 -12.72
C LYS C 23 32.49 10.12 -13.22
N ALA C 24 31.42 10.29 -14.01
CA ALA C 24 30.66 9.19 -14.56
C ALA C 24 30.96 8.92 -16.02
N SER C 25 30.94 7.65 -16.42
CA SER C 25 31.18 7.24 -17.80
C SER C 25 30.42 5.95 -18.12
N GLY C 26 30.18 5.72 -19.42
CA GLY C 26 29.49 4.54 -19.93
C GLY C 26 27.99 4.58 -20.05
N TYR C 27 27.34 5.70 -19.68
CA TYR C 27 25.88 5.82 -19.74
C TYR C 27 25.41 7.26 -19.95
N THR C 28 24.09 7.45 -20.11
CA THR C 28 23.49 8.78 -20.27
C THR C 28 23.34 9.29 -18.85
N PHE C 29 24.30 10.13 -18.45
CA PHE C 29 24.45 10.75 -17.15
C PHE C 29 23.17 11.37 -16.55
N SER C 30 22.39 12.13 -17.35
CA SER C 30 21.17 12.83 -16.90
C SER C 30 19.95 11.91 -16.61
N SER C 31 19.96 10.67 -17.12
CA SER C 31 18.84 9.73 -16.95
C SER C 31 18.88 8.87 -15.66
N TYR C 32 19.82 9.14 -14.74
CA TYR C 32 19.93 8.39 -13.49
C TYR C 32 20.21 9.30 -12.31
N GLY C 33 19.62 8.96 -11.17
CA GLY C 33 19.81 9.71 -9.92
C GLY C 33 21.18 9.43 -9.36
N MET C 34 21.70 10.34 -8.51
CA MET C 34 23.03 10.17 -7.92
C MET C 34 22.97 10.55 -6.45
N TYR C 35 23.59 9.74 -5.57
CA TYR C 35 23.65 10.02 -4.14
C TYR C 35 25.11 10.08 -3.72
N TRP C 36 25.35 10.60 -2.52
CA TRP C 36 26.62 10.69 -1.84
C TRP C 36 26.26 10.01 -0.55
N VAL C 37 26.92 8.91 -0.25
CA VAL C 37 26.67 8.13 0.95
C VAL C 37 28.04 7.97 1.57
N ARG C 38 28.13 8.18 2.88
CA ARG C 38 29.37 8.02 3.60
C ARG C 38 29.28 6.85 4.57
N GLN C 39 30.44 6.42 5.09
CA GLN C 39 30.52 5.32 6.02
C GLN C 39 31.74 5.45 6.90
N ALA C 40 31.50 5.67 8.19
CA ALA C 40 32.57 5.77 9.19
C ALA C 40 33.10 4.35 9.39
N PRO C 41 34.40 4.14 9.66
CA PRO C 41 34.90 2.77 9.80
C PRO C 41 34.23 2.01 10.95
N GLY C 42 33.73 0.82 10.63
CA GLY C 42 33.03 -0.04 11.59
C GLY C 42 31.53 0.23 11.66
N LYS C 43 31.11 1.46 11.27
CA LYS C 43 29.72 1.88 11.27
C LYS C 43 29.02 1.50 9.94
N GLY C 44 27.75 1.91 9.82
CA GLY C 44 26.92 1.66 8.66
C GLY C 44 26.88 2.78 7.63
N LEU C 45 25.94 2.66 6.69
CA LEU C 45 25.71 3.58 5.59
C LEU C 45 24.86 4.78 5.95
N GLU C 46 25.43 5.96 5.75
CA GLU C 46 24.78 7.21 6.04
C GLU C 46 24.70 8.02 4.76
N TRP C 47 23.48 8.28 4.30
CA TRP C 47 23.29 9.06 3.08
C TRP C 47 23.49 10.55 3.41
N ILE C 48 24.03 11.30 2.45
CA ILE C 48 24.30 12.73 2.59
C ILE C 48 23.30 13.54 1.78
N GLY C 49 23.16 13.20 0.50
CA GLY C 49 22.26 13.90 -0.38
C GLY C 49 22.01 13.20 -1.69
N TRP C 50 21.14 13.80 -2.48
CA TRP C 50 20.70 13.33 -3.78
C TRP C 50 20.60 14.51 -4.73
N ILE C 51 20.76 14.22 -6.02
CA ILE C 51 20.64 15.18 -7.10
C ILE C 51 20.07 14.50 -8.32
N ASP C 52 19.28 15.25 -9.09
CA ASP C 52 18.73 14.78 -10.34
C ASP C 52 19.56 15.55 -11.37
N PRO C 53 20.46 14.86 -12.10
CA PRO C 53 21.31 15.57 -13.07
C PRO C 53 20.56 16.28 -14.18
N GLY C 54 19.33 15.84 -14.44
CA GLY C 54 18.46 16.42 -15.46
C GLY C 54 17.90 17.76 -15.03
N SER C 55 17.11 17.77 -13.94
CA SER C 55 16.46 18.95 -13.36
C SER C 55 17.37 19.84 -12.50
N GLY C 56 18.22 19.22 -11.68
CA GLY C 56 19.11 19.92 -10.76
C GLY C 56 18.56 19.83 -9.34
N GLY C 57 17.39 19.17 -9.23
CA GLY C 57 16.65 18.95 -8.00
C GLY C 57 17.49 18.19 -6.99
N THR C 58 17.55 18.70 -5.75
CA THR C 58 18.34 18.11 -4.68
C THR C 58 17.51 17.76 -3.45
N LYS C 59 18.07 16.88 -2.61
CA LYS C 59 17.51 16.44 -1.33
C LYS C 59 18.71 16.26 -0.44
N TYR C 60 18.61 16.65 0.83
CA TYR C 60 19.70 16.57 1.78
C TYR C 60 19.26 15.97 3.07
N ASN C 61 20.19 15.30 3.74
CA ASN C 61 19.92 14.73 5.06
C ASN C 61 19.87 15.96 5.98
N GLU C 62 18.87 15.98 6.90
CA GLU C 62 18.65 17.07 7.85
C GLU C 62 19.86 17.35 8.75
N LYS C 63 20.73 16.33 9.02
CA LYS C 63 21.92 16.49 9.86
C LYS C 63 22.96 17.42 9.22
N PHE C 64 23.04 17.39 7.87
CA PHE C 64 23.95 18.18 7.03
C PHE C 64 23.22 19.29 6.26
N LYS C 65 22.02 19.69 6.72
CA LYS C 65 21.19 20.72 6.11
C LYS C 65 21.94 21.99 5.65
N GLY C 66 22.58 22.72 6.57
CA GLY C 66 23.29 23.94 6.18
C GLY C 66 24.69 23.73 5.62
N LYS C 67 25.38 22.67 6.10
CA LYS C 67 26.75 22.27 5.75
C LYS C 67 26.97 21.64 4.36
N ALA C 68 26.03 20.80 3.85
CA ALA C 68 26.23 20.11 2.58
C ALA C 68 25.60 20.79 1.35
N THR C 69 26.29 20.68 0.19
CA THR C 69 25.90 21.22 -1.11
C THR C 69 26.33 20.25 -2.20
N ILE C 70 25.37 19.86 -3.05
CA ILE C 70 25.58 18.96 -4.17
C ILE C 70 25.22 19.69 -5.45
N SER C 71 26.14 19.65 -6.41
CA SER C 71 25.98 20.25 -7.72
C SER C 71 26.46 19.26 -8.77
N ARG C 72 26.28 19.60 -10.05
CA ARG C 72 26.67 18.76 -11.16
C ARG C 72 27.00 19.58 -12.40
N ASP C 73 27.71 18.94 -13.33
CA ASP C 73 28.07 19.52 -14.61
C ASP C 73 27.82 18.40 -15.59
N ASN C 74 26.69 18.49 -16.30
CA ASN C 74 26.26 17.49 -17.28
C ASN C 74 27.21 17.37 -18.46
N SER C 75 27.90 18.46 -18.82
CA SER C 75 28.87 18.48 -19.93
C SER C 75 30.11 17.64 -19.61
N LYS C 76 30.43 17.49 -18.31
CA LYS C 76 31.57 16.73 -17.81
C LYS C 76 31.15 15.40 -17.20
N ASN C 77 29.82 15.14 -17.09
CA ASN C 77 29.20 13.94 -16.50
C ASN C 77 29.73 13.79 -15.07
N THR C 78 29.94 14.93 -14.41
CA THR C 78 30.52 15.04 -13.10
C THR C 78 29.57 15.55 -12.05
N LEU C 79 29.64 14.88 -10.91
CA LEU C 79 28.88 15.13 -9.70
C LEU C 79 29.83 15.79 -8.69
N TYR C 80 29.35 16.76 -7.91
CA TYR C 80 30.18 17.44 -6.92
C TYR C 80 29.55 17.42 -5.55
N LEU C 81 30.39 17.41 -4.51
CA LEU C 81 29.98 17.45 -3.11
C LEU C 81 30.86 18.43 -2.36
N GLN C 82 30.25 19.19 -1.44
CA GLN C 82 30.91 20.14 -0.58
C GLN C 82 30.24 20.04 0.77
N MET C 83 31.05 19.82 1.80
CA MET C 83 30.56 19.71 3.16
C MET C 83 31.41 20.62 4.02
N ASN C 84 30.83 21.74 4.45
CA ASN C 84 31.48 22.77 5.26
C ASN C 84 31.50 22.46 6.75
N SER C 85 32.31 23.25 7.50
CA SER C 85 32.49 23.21 8.95
C SER C 85 32.66 21.80 9.51
N LEU C 86 33.62 21.04 8.96
CA LEU C 86 33.88 19.67 9.38
C LEU C 86 34.43 19.51 10.79
N ARG C 87 34.10 18.38 11.40
CA ARG C 87 34.51 17.96 12.72
C ARG C 87 35.12 16.56 12.59
N ALA C 88 35.77 16.06 13.66
CA ALA C 88 36.41 14.74 13.64
C ALA C 88 35.43 13.58 13.36
N GLU C 89 34.13 13.76 13.63
CA GLU C 89 33.11 12.75 13.38
C GLU C 89 32.81 12.59 11.88
N ASP C 90 33.21 13.60 11.08
CA ASP C 90 33.00 13.62 9.65
C ASP C 90 34.06 12.79 8.90
N THR C 91 34.99 12.17 9.65
CA THR C 91 36.03 11.31 9.12
C THR C 91 35.33 10.03 8.72
N ALA C 92 35.26 9.78 7.41
CA ALA C 92 34.59 8.60 6.86
C ALA C 92 35.02 8.36 5.42
N VAL C 93 34.58 7.22 4.87
CA VAL C 93 34.81 6.84 3.48
C VAL C 93 33.53 7.30 2.78
N TYR C 94 33.67 8.17 1.77
CA TYR C 94 32.56 8.75 1.00
C TYR C 94 32.47 8.12 -0.35
N TYR C 95 31.24 7.78 -0.74
CA TYR C 95 30.90 7.12 -2.00
C TYR C 95 29.90 7.91 -2.79
N CYS C 96 29.91 7.72 -4.10
CA CYS C 96 28.95 8.28 -5.02
C CYS C 96 28.31 7.03 -5.61
N ALA C 97 26.98 6.97 -5.59
CA ALA C 97 26.22 5.83 -6.05
C ALA C 97 25.14 6.21 -7.03
N ARG C 98 25.03 5.42 -8.10
CA ARG C 98 24.02 5.64 -9.12
C ARG C 98 22.70 5.02 -8.70
N GLU C 99 21.62 5.76 -8.91
CA GLU C 99 20.27 5.37 -8.59
C GLU C 99 19.50 5.04 -9.83
N ARG C 100 19.07 3.79 -9.94
CA ARG C 100 18.22 3.35 -11.02
C ARG C 100 16.86 3.63 -10.37
N TYR C 101 16.23 4.77 -10.75
CA TYR C 101 14.96 5.28 -10.22
C TYR C 101 13.90 4.22 -9.90
N GLY C 102 13.67 4.06 -8.61
CA GLY C 102 12.68 3.13 -8.06
C GLY C 102 13.12 1.69 -7.92
N TYR C 103 14.37 1.38 -8.27
CA TYR C 103 14.81 0.00 -8.15
C TYR C 103 15.86 -0.18 -7.11
N TYR C 104 17.10 0.25 -7.39
CA TYR C 104 18.27 0.04 -6.53
C TYR C 104 19.43 0.95 -6.86
N PHE C 105 20.57 0.68 -6.20
CA PHE C 105 21.84 1.33 -6.44
C PHE C 105 22.60 0.25 -7.18
N ASP C 106 22.84 0.49 -8.48
CA ASP C 106 23.50 -0.45 -9.36
C ASP C 106 24.99 -0.23 -9.51
N TYR C 107 25.45 1.00 -9.35
CA TYR C 107 26.85 1.32 -9.49
C TYR C 107 27.32 2.23 -8.38
N TRP C 108 28.54 1.96 -7.91
CA TRP C 108 29.14 2.70 -6.83
C TRP C 108 30.53 3.17 -7.21
N GLY C 109 31.04 4.11 -6.44
CA GLY C 109 32.38 4.63 -6.61
C GLY C 109 33.33 3.67 -5.90
N GLN C 110 34.64 3.95 -5.93
CA GLN C 110 35.61 3.08 -5.28
C GLN C 110 35.65 3.27 -3.75
N GLY C 111 35.24 4.46 -3.31
CA GLY C 111 35.26 4.83 -1.90
C GLY C 111 36.44 5.76 -1.68
N THR C 112 36.14 6.97 -1.22
CA THR C 112 37.11 8.03 -0.98
C THR C 112 37.21 8.37 0.49
N LEU C 113 38.41 8.19 1.05
CA LEU C 113 38.64 8.49 2.45
C LEU C 113 38.93 9.97 2.69
N VAL C 114 38.23 10.53 3.68
CA VAL C 114 38.40 11.92 4.11
C VAL C 114 38.68 11.86 5.62
N THR C 115 39.81 12.42 6.04
CA THR C 115 40.22 12.44 7.45
C THR C 115 40.28 13.89 7.91
N VAL C 116 39.59 14.16 9.03
CA VAL C 116 39.53 15.49 9.63
C VAL C 116 40.51 15.55 10.80
N SER C 117 41.60 16.28 10.60
CA SER C 117 42.66 16.42 11.59
C SER C 117 43.47 17.69 11.34
N SER C 118 43.90 18.34 12.43
CA SER C 118 44.69 19.58 12.39
C SER C 118 46.20 19.25 12.42
N ALA C 119 46.56 17.98 12.70
CA ALA C 119 47.95 17.52 12.76
C ALA C 119 48.72 17.69 11.44
N SER C 120 50.05 17.73 11.55
CA SER C 120 50.94 17.89 10.40
C SER C 120 51.69 16.59 10.15
N THR C 121 52.28 16.46 8.94
CA THR C 121 53.06 15.30 8.53
C THR C 121 54.25 15.07 9.44
N LYS C 122 54.31 13.85 9.98
CA LYS C 122 55.36 13.42 10.88
C LYS C 122 55.71 11.96 10.65
N GLY C 123 57.00 11.70 10.57
CA GLY C 123 57.57 10.38 10.41
C GLY C 123 57.50 9.65 11.75
N PRO C 124 57.46 8.30 11.77
CA PRO C 124 57.36 7.60 13.06
C PRO C 124 58.69 7.28 13.73
N SER C 125 58.62 6.91 15.02
CA SER C 125 59.75 6.49 15.82
C SER C 125 59.50 5.00 16.00
N VAL C 126 60.42 4.16 15.51
CA VAL C 126 60.29 2.71 15.57
C VAL C 126 61.05 2.14 16.78
N PHE C 127 60.34 1.44 17.65
CA PHE C 127 60.90 0.82 18.86
C PHE C 127 60.74 -0.69 18.87
N PRO C 128 61.80 -1.47 19.19
CA PRO C 128 61.65 -2.93 19.19
C PRO C 128 60.83 -3.44 20.36
N LEU C 129 60.35 -4.68 20.23
CA LEU C 129 59.60 -5.41 21.22
C LEU C 129 60.35 -6.72 21.30
N ALA C 130 61.33 -6.77 22.22
CA ALA C 130 62.21 -7.89 22.46
C ALA C 130 61.51 -9.12 23.03
N PRO C 131 61.89 -10.33 22.55
CA PRO C 131 61.26 -11.56 23.07
C PRO C 131 62.00 -12.00 24.33
N SER C 132 61.52 -13.09 24.96
CA SER C 132 62.13 -13.69 26.17
C SER C 132 61.87 -15.20 26.18
N GLY C 138 59.21 -20.91 25.70
CA GLY C 138 58.92 -22.34 25.71
C GLY C 138 59.28 -23.03 24.41
N GLY C 139 58.27 -23.21 23.56
CA GLY C 139 58.38 -23.84 22.25
C GLY C 139 58.40 -22.79 21.14
N THR C 140 57.49 -21.81 21.23
CA THR C 140 57.35 -20.69 20.29
C THR C 140 57.31 -19.38 21.09
N ALA C 141 58.01 -18.37 20.58
CA ALA C 141 58.06 -17.05 21.18
C ALA C 141 57.73 -16.01 20.14
N ALA C 142 57.13 -14.90 20.57
CA ALA C 142 56.77 -13.84 19.64
C ALA C 142 57.56 -12.57 19.95
N LEU C 143 57.84 -11.81 18.89
CA LEU C 143 58.56 -10.55 18.95
C LEU C 143 57.99 -9.60 17.89
N GLY C 144 58.13 -8.30 18.14
CA GLY C 144 57.65 -7.29 17.22
C GLY C 144 58.40 -6.00 17.33
N CYS C 145 57.79 -4.95 16.80
CA CYS C 145 58.29 -3.60 16.87
C CYS C 145 57.12 -2.64 16.81
N LEU C 146 57.22 -1.61 17.63
CA LEU C 146 56.25 -0.56 17.81
C LEU C 146 56.56 0.63 16.90
N VAL C 147 55.57 1.03 16.11
CA VAL C 147 55.64 2.17 15.20
C VAL C 147 54.78 3.22 15.86
N LYS C 148 55.42 4.24 16.42
CA LYS C 148 54.73 5.28 17.17
C LYS C 148 54.92 6.69 16.63
N ASP C 149 53.92 7.55 16.89
CA ASP C 149 53.86 8.98 16.60
C ASP C 149 54.09 9.35 15.12
N TYR C 150 53.13 9.01 14.27
CA TYR C 150 53.19 9.35 12.86
C TYR C 150 51.88 9.92 12.38
N PHE C 151 51.95 10.74 11.32
CA PHE C 151 50.80 11.37 10.71
C PHE C 151 51.11 11.73 9.28
N PRO C 152 50.22 11.38 8.33
CA PRO C 152 48.94 10.69 8.52
C PRO C 152 49.17 9.20 8.35
N GLU C 153 48.10 8.42 8.38
CA GLU C 153 48.14 6.98 8.16
C GLU C 153 48.22 6.87 6.60
N PRO C 154 48.76 5.80 5.95
CA PRO C 154 49.23 4.53 6.50
C PRO C 154 50.74 4.36 6.60
N VAL C 155 51.14 3.22 7.17
CA VAL C 155 52.49 2.71 7.32
C VAL C 155 52.41 1.26 6.86
N THR C 156 53.50 0.77 6.27
CA THR C 156 53.56 -0.61 5.83
C THR C 156 54.70 -1.24 6.59
N VAL C 157 54.50 -2.47 7.06
CA VAL C 157 55.51 -3.20 7.81
C VAL C 157 55.75 -4.55 7.17
N SER C 158 57.00 -4.86 6.90
CA SER C 158 57.38 -6.15 6.34
C SER C 158 58.46 -6.70 7.25
N TRP C 159 58.66 -8.03 7.26
CA TRP C 159 59.68 -8.66 8.10
C TRP C 159 60.69 -9.33 7.23
N ASN C 160 61.99 -9.09 7.52
CA ASN C 160 63.13 -9.66 6.78
C ASN C 160 63.01 -9.44 5.27
N SER C 161 62.61 -8.20 4.88
CA SER C 161 62.41 -7.75 3.50
C SER C 161 61.35 -8.58 2.75
N GLY C 162 60.36 -9.08 3.50
CA GLY C 162 59.26 -9.89 2.99
C GLY C 162 59.46 -11.40 2.92
N ALA C 163 60.60 -11.92 3.46
CA ALA C 163 60.86 -13.37 3.47
C ALA C 163 60.07 -14.03 4.61
N LEU C 164 59.73 -13.23 5.64
CA LEU C 164 58.97 -13.68 6.80
C LEU C 164 57.51 -13.22 6.74
N THR C 165 56.61 -14.12 6.34
CA THR C 165 55.18 -13.84 6.20
C THR C 165 54.31 -14.67 7.16
N SER C 166 54.73 -15.91 7.47
CA SER C 166 53.99 -16.81 8.36
C SER C 166 54.05 -16.35 9.82
N GLY C 167 52.87 -16.29 10.44
CA GLY C 167 52.67 -15.89 11.83
C GLY C 167 52.73 -14.41 12.10
N VAL C 168 52.82 -13.59 11.02
CA VAL C 168 52.87 -12.12 11.08
C VAL C 168 51.46 -11.56 11.33
N HIS C 169 51.36 -10.62 12.27
CA HIS C 169 50.14 -9.93 12.63
C HIS C 169 50.48 -8.45 12.79
N THR C 170 50.17 -7.66 11.76
CA THR C 170 50.38 -6.21 11.75
C THR C 170 49.02 -5.66 12.12
N PHE C 171 48.95 -5.03 13.29
CA PHE C 171 47.73 -4.47 13.86
C PHE C 171 47.29 -3.13 13.32
N PRO C 172 45.95 -2.86 13.30
CA PRO C 172 45.47 -1.55 12.82
C PRO C 172 45.99 -0.52 13.81
N ALA C 173 46.24 0.69 13.31
CA ALA C 173 46.74 1.78 14.14
C ALA C 173 45.63 2.34 15.03
N VAL C 174 46.02 3.18 15.98
CA VAL C 174 45.12 3.85 16.92
C VAL C 174 45.43 5.33 16.94
N LEU C 175 44.39 6.15 17.02
CA LEU C 175 44.58 7.59 17.09
C LEU C 175 44.69 7.93 18.55
N GLN C 176 45.82 8.49 18.94
CA GLN C 176 46.02 8.85 20.35
C GLN C 176 45.71 10.34 20.60
N SER C 177 45.78 10.76 21.89
CA SER C 177 45.54 12.10 22.41
C SER C 177 46.29 13.23 21.67
N SER C 178 47.55 12.99 21.25
CA SER C 178 48.40 13.97 20.54
C SER C 178 47.89 14.28 19.10
N GLY C 179 47.12 13.35 18.54
CA GLY C 179 46.57 13.45 17.19
C GLY C 179 47.42 12.65 16.23
N LEU C 180 48.38 11.88 16.78
CA LEU C 180 49.30 11.04 16.03
C LEU C 180 48.88 9.58 16.10
N TYR C 181 49.41 8.80 15.18
CA TYR C 181 49.09 7.38 15.11
C TYR C 181 50.16 6.49 15.74
N SER C 182 49.71 5.34 16.26
CA SER C 182 50.57 4.34 16.88
C SER C 182 50.09 2.97 16.44
N LEU C 183 51.03 2.15 15.97
CA LEU C 183 50.80 0.82 15.41
C LEU C 183 51.86 -0.16 15.92
N SER C 184 51.57 -1.46 15.84
CA SER C 184 52.49 -2.52 16.24
C SER C 184 52.31 -3.70 15.30
N SER C 185 53.42 -4.35 14.96
CA SER C 185 53.43 -5.52 14.09
C SER C 185 54.25 -6.59 14.80
N VAL C 186 53.65 -7.77 14.98
CA VAL C 186 54.27 -8.89 15.68
C VAL C 186 54.33 -10.16 14.83
N VAL C 187 55.39 -10.94 14.99
CA VAL C 187 55.59 -12.24 14.34
C VAL C 187 55.87 -13.26 15.46
N THR C 188 55.41 -14.50 15.29
CA THR C 188 55.62 -15.59 16.24
C THR C 188 56.56 -16.53 15.55
N VAL C 189 57.68 -16.85 16.24
CA VAL C 189 58.75 -17.73 15.76
C VAL C 189 59.11 -18.84 16.72
N PRO C 190 59.74 -19.95 16.26
CA PRO C 190 60.12 -21.01 17.22
C PRO C 190 61.19 -20.35 18.10
N SER C 191 61.24 -20.70 19.39
CA SER C 191 62.19 -20.17 20.37
C SER C 191 63.64 -20.63 20.13
N SER C 192 63.82 -21.77 19.40
CA SER C 192 65.12 -22.36 19.08
C SER C 192 65.92 -21.48 18.11
N SER C 193 65.26 -20.94 17.05
CA SER C 193 65.87 -20.09 16.02
C SER C 193 66.04 -18.60 16.44
N LEU C 194 65.80 -18.26 17.73
CA LEU C 194 65.95 -16.89 18.24
C LEU C 194 67.40 -16.37 18.16
N GLY C 195 68.36 -17.26 18.39
CA GLY C 195 69.79 -16.95 18.34
C GLY C 195 70.38 -17.00 16.94
N THR C 196 69.94 -18.01 16.15
CA THR C 196 70.39 -18.28 14.78
C THR C 196 69.87 -17.24 13.75
N GLN C 197 68.55 -16.98 13.78
CA GLN C 197 67.88 -16.06 12.86
C GLN C 197 67.80 -14.62 13.36
N THR C 198 68.19 -13.69 12.47
CA THR C 198 68.15 -12.26 12.72
C THR C 198 66.80 -11.75 12.23
N TYR C 199 66.06 -11.07 13.12
CA TYR C 199 64.74 -10.54 12.81
C TYR C 199 64.70 -9.03 12.80
N ILE C 200 64.34 -8.47 11.63
CA ILE C 200 64.22 -7.03 11.42
C ILE C 200 62.84 -6.67 10.86
N CYS C 201 62.29 -5.55 11.32
CA CYS C 201 61.02 -5.08 10.78
C CYS C 201 61.31 -3.89 9.90
N ASN C 202 60.69 -3.89 8.72
CA ASN C 202 60.83 -2.88 7.70
C ASN C 202 59.62 -1.96 7.63
N VAL C 203 59.78 -0.80 8.25
CA VAL C 203 58.76 0.24 8.35
C VAL C 203 58.87 1.26 7.24
N ASN C 204 57.74 1.54 6.59
CA ASN C 204 57.67 2.53 5.52
C ASN C 204 56.47 3.45 5.70
N HIS C 205 56.74 4.74 5.94
CA HIS C 205 55.71 5.76 6.10
C HIS C 205 55.87 6.63 4.87
N LYS C 206 55.13 6.24 3.83
CA LYS C 206 55.14 6.86 2.53
C LYS C 206 54.80 8.36 2.52
N PRO C 207 53.83 8.91 3.31
CA PRO C 207 53.58 10.36 3.23
C PRO C 207 54.76 11.24 3.60
N SER C 208 55.74 10.71 4.35
CA SER C 208 56.92 11.47 4.74
C SER C 208 58.23 10.90 4.20
N ASN C 209 58.16 9.83 3.37
CA ASN C 209 59.32 9.14 2.78
C ASN C 209 60.30 8.64 3.85
N THR C 210 59.72 8.13 4.94
CA THR C 210 60.43 7.61 6.09
C THR C 210 60.49 6.10 6.04
N LYS C 211 61.69 5.57 5.75
CA LYS C 211 61.94 4.13 5.72
C LYS C 211 62.87 3.81 6.87
N VAL C 212 62.39 2.98 7.82
CA VAL C 212 63.15 2.61 9.01
C VAL C 212 63.24 1.10 9.19
N ASP C 213 64.47 0.60 9.37
CA ASP C 213 64.72 -0.82 9.62
C ASP C 213 65.32 -0.89 11.00
N LYS C 214 64.74 -1.71 11.86
CA LYS C 214 65.19 -1.89 13.24
C LYS C 214 65.29 -3.36 13.53
N LYS C 215 66.37 -3.73 14.23
CA LYS C 215 66.63 -5.11 14.62
C LYS C 215 66.04 -5.40 15.98
N VAL C 216 65.53 -6.64 16.13
CA VAL C 216 64.93 -7.12 17.37
C VAL C 216 65.90 -8.09 18.04
N GLU C 217 66.35 -7.72 19.25
CA GLU C 217 67.30 -8.51 20.05
C GLU C 217 66.92 -8.46 21.54
N PRO C 218 67.06 -9.59 22.28
CA PRO C 218 66.70 -9.59 23.71
C PRO C 218 67.61 -8.69 24.54
N GLU D 1 8.74 8.20 9.33
CA GLU D 1 9.73 7.57 8.46
C GLU D 1 9.84 6.06 8.69
N ILE D 2 10.30 5.34 7.67
CA ILE D 2 10.49 3.90 7.73
C ILE D 2 11.81 3.58 8.41
N VAL D 3 11.81 2.55 9.28
CA VAL D 3 12.99 2.08 9.99
C VAL D 3 13.15 0.61 9.62
N LEU D 4 14.35 0.26 9.13
CA LEU D 4 14.65 -1.13 8.78
C LEU D 4 15.48 -1.69 9.93
N THR D 5 14.96 -2.74 10.56
CA THR D 5 15.61 -3.40 11.69
C THR D 5 16.17 -4.74 11.28
N GLN D 6 17.48 -4.87 11.33
CA GLN D 6 18.14 -6.12 10.96
C GLN D 6 18.45 -6.96 12.18
N SER D 7 18.31 -8.27 12.01
CA SER D 7 18.57 -9.25 13.04
C SER D 7 19.25 -10.49 12.43
N PRO D 8 20.37 -10.97 13.00
CA PRO D 8 21.02 -10.48 14.23
C PRO D 8 22.04 -9.40 13.88
N ALA D 9 22.75 -8.86 14.87
CA ALA D 9 23.78 -7.85 14.62
C ALA D 9 25.02 -8.57 14.05
N THR D 10 25.29 -9.79 14.56
CA THR D 10 26.41 -10.64 14.16
C THR D 10 25.95 -12.10 14.09
N LEU D 11 26.28 -12.75 12.98
CA LEU D 11 25.94 -14.15 12.75
C LEU D 11 27.23 -14.94 12.62
N SER D 12 27.47 -15.88 13.55
CA SER D 12 28.66 -16.72 13.55
C SER D 12 28.32 -18.11 13.07
N LEU D 13 28.81 -18.46 11.89
CA LEU D 13 28.55 -19.78 11.30
C LEU D 13 29.77 -20.40 10.67
N SER D 14 29.66 -21.67 10.26
CA SER D 14 30.74 -22.41 9.62
C SER D 14 30.52 -22.50 8.13
N PRO D 15 31.60 -22.64 7.31
CA PRO D 15 31.39 -22.72 5.85
C PRO D 15 30.57 -23.98 5.52
N GLY D 16 29.73 -23.88 4.50
CA GLY D 16 28.86 -24.98 4.07
C GLY D 16 27.49 -24.94 4.74
N GLU D 17 27.46 -24.40 5.98
CA GLU D 17 26.26 -24.25 6.81
C GLU D 17 25.34 -23.17 6.19
N ARG D 18 24.02 -23.28 6.46
CA ARG D 18 23.00 -22.35 5.96
C ARG D 18 22.90 -21.08 6.81
N ALA D 19 22.71 -19.93 6.13
CA ALA D 19 22.59 -18.61 6.76
C ALA D 19 21.27 -17.91 6.43
N THR D 20 20.60 -17.38 7.46
CA THR D 20 19.35 -16.64 7.35
C THR D 20 19.46 -15.33 8.10
N ILE D 21 19.25 -14.22 7.37
CA ILE D 21 19.28 -12.86 7.92
C ILE D 21 17.91 -12.25 7.76
N THR D 22 17.42 -11.58 8.80
CA THR D 22 16.11 -10.94 8.82
C THR D 22 16.20 -9.42 8.81
N CYS D 23 15.31 -8.80 8.04
CA CYS D 23 15.15 -7.36 7.95
C CYS D 23 13.67 -7.11 8.15
N ARG D 24 13.34 -6.30 9.15
CA ARG D 24 11.96 -5.96 9.48
C ARG D 24 11.70 -4.48 9.23
N ALA D 25 10.69 -4.19 8.39
CA ALA D 25 10.27 -2.82 8.08
C ALA D 25 9.17 -2.39 9.06
N SER D 26 9.25 -1.14 9.56
CA SER D 26 8.29 -0.57 10.50
C SER D 26 6.93 -0.26 9.83
N GLN D 27 6.91 -0.24 8.49
CA GLN D 27 5.73 0.03 7.69
C GLN D 27 5.67 -0.95 6.54
N TYR D 28 4.56 -0.94 5.81
CA TYR D 28 4.38 -1.82 4.66
C TYR D 28 5.19 -1.24 3.51
N VAL D 29 6.08 -2.05 2.95
CA VAL D 29 6.94 -1.61 1.85
C VAL D 29 6.73 -2.46 0.58
N GLY D 30 5.77 -3.38 0.65
CA GLY D 30 5.45 -4.28 -0.44
C GLY D 30 6.59 -5.27 -0.65
N SER D 31 7.02 -5.40 -1.88
CA SER D 31 8.12 -6.30 -2.19
C SER D 31 9.32 -5.50 -2.75
N TYR D 32 9.31 -4.19 -2.52
CA TYR D 32 10.34 -3.27 -3.01
C TYR D 32 11.50 -3.06 -2.05
N LEU D 33 12.14 -4.18 -1.65
CA LEU D 33 13.29 -4.19 -0.76
C LEU D 33 14.51 -4.77 -1.50
N ASN D 34 15.69 -4.22 -1.20
CA ASN D 34 16.98 -4.62 -1.78
C ASN D 34 17.96 -5.08 -0.73
N TRP D 35 18.85 -5.98 -1.13
CA TRP D 35 19.90 -6.54 -0.30
C TRP D 35 21.24 -6.20 -0.91
N TYR D 36 22.19 -5.85 -0.04
CA TYR D 36 23.54 -5.49 -0.48
C TYR D 36 24.56 -6.25 0.30
N GLN D 37 25.68 -6.54 -0.36
CA GLN D 37 26.81 -7.22 0.25
C GLN D 37 27.98 -6.27 0.24
N GLN D 38 28.64 -6.13 1.38
CA GLN D 38 29.80 -5.26 1.47
C GLN D 38 31.00 -5.99 2.05
N LYS D 39 32.00 -6.17 1.23
CA LYS D 39 33.25 -6.81 1.64
C LYS D 39 34.18 -5.69 2.11
N PRO D 40 35.13 -5.95 3.03
CA PRO D 40 36.01 -4.87 3.51
C PRO D 40 36.89 -4.26 2.41
N GLY D 41 37.04 -2.94 2.47
CA GLY D 41 37.80 -2.14 1.51
C GLY D 41 37.07 -1.97 0.19
N GLN D 42 35.80 -2.39 0.17
CA GLN D 42 34.96 -2.33 -1.02
C GLN D 42 33.65 -1.63 -0.77
N ALA D 43 33.04 -1.23 -1.89
CA ALA D 43 31.74 -0.57 -1.93
C ALA D 43 30.67 -1.66 -1.89
N PRO D 44 29.44 -1.36 -1.42
CA PRO D 44 28.41 -2.42 -1.36
C PRO D 44 28.09 -2.87 -2.77
N ARG D 45 27.61 -4.09 -2.91
CA ARG D 45 27.26 -4.70 -4.18
C ARG D 45 25.82 -5.18 -4.12
N LEU D 46 25.03 -4.89 -5.17
CA LEU D 46 23.64 -5.34 -5.23
C LEU D 46 23.59 -6.85 -5.28
N LEU D 47 22.89 -7.41 -4.30
CA LEU D 47 22.74 -8.85 -4.12
C LEU D 47 21.35 -9.32 -4.57
N ILE D 48 20.29 -8.83 -3.91
CA ILE D 48 18.90 -9.20 -4.20
C ILE D 48 18.10 -7.92 -4.40
N TYR D 49 17.33 -7.85 -5.47
CA TYR D 49 16.48 -6.69 -5.71
C TYR D 49 15.05 -7.19 -5.81
N ASP D 50 14.08 -6.34 -5.42
CA ASP D 50 12.64 -6.63 -5.41
C ASP D 50 12.33 -7.84 -4.51
N ALA D 51 13.06 -7.92 -3.39
CA ALA D 51 12.99 -8.91 -2.31
C ALA D 51 13.25 -10.39 -2.70
N SER D 52 13.21 -10.80 -3.99
CA SER D 52 13.40 -12.21 -4.35
C SER D 52 14.27 -12.45 -5.58
N ASN D 53 14.49 -11.40 -6.39
CA ASN D 53 15.28 -11.50 -7.60
C ASN D 53 16.76 -11.35 -7.39
N ARG D 54 17.53 -12.32 -7.92
CA ARG D 54 18.99 -12.30 -7.83
C ARG D 54 19.48 -11.29 -8.82
N ALA D 55 20.49 -10.50 -8.43
CA ALA D 55 21.09 -9.50 -9.31
C ALA D 55 21.94 -10.26 -10.34
N THR D 56 22.28 -9.59 -11.47
CA THR D 56 23.07 -10.22 -12.52
C THR D 56 24.51 -10.55 -12.03
N GLY D 57 24.95 -11.78 -12.33
CA GLY D 57 26.27 -12.29 -11.96
C GLY D 57 26.48 -12.59 -10.49
N ILE D 58 25.40 -12.94 -9.78
CA ILE D 58 25.49 -13.32 -8.37
C ILE D 58 25.08 -14.81 -8.30
N PRO D 59 25.76 -15.68 -7.53
CA PRO D 59 25.39 -17.11 -7.53
C PRO D 59 24.00 -17.44 -7.00
N ALA D 60 23.49 -18.62 -7.40
CA ALA D 60 22.18 -19.14 -7.03
C ALA D 60 22.02 -19.50 -5.54
N ARG D 61 23.12 -19.58 -4.75
CA ARG D 61 23.04 -19.89 -3.32
C ARG D 61 22.37 -18.76 -2.52
N PHE D 62 22.35 -17.54 -3.09
CA PHE D 62 21.72 -16.38 -2.49
C PHE D 62 20.26 -16.35 -2.91
N SER D 63 19.38 -16.28 -1.94
CA SER D 63 17.95 -16.24 -2.18
C SER D 63 17.30 -15.33 -1.17
N GLY D 64 16.33 -14.56 -1.63
CA GLY D 64 15.58 -13.64 -0.79
C GLY D 64 14.10 -13.98 -0.83
N SER D 65 13.39 -13.62 0.24
CA SER D 65 11.97 -13.86 0.38
C SER D 65 11.35 -12.82 1.28
N GLY D 66 10.03 -12.68 1.18
CA GLY D 66 9.24 -11.74 1.97
C GLY D 66 8.51 -10.70 1.16
N SER D 67 7.45 -10.18 1.76
CA SER D 67 6.58 -9.14 1.23
C SER D 67 5.84 -8.54 2.40
N GLY D 68 5.83 -7.22 2.42
CA GLY D 68 5.18 -6.43 3.44
C GLY D 68 6.13 -5.82 4.46
N THR D 69 6.34 -6.51 5.57
CA THR D 69 7.19 -6.02 6.66
C THR D 69 8.37 -6.94 6.97
N ASP D 70 8.15 -8.26 6.92
CA ASP D 70 9.18 -9.24 7.22
C ASP D 70 9.87 -9.75 5.97
N PHE D 71 11.20 -9.56 5.94
CA PHE D 71 12.06 -9.95 4.83
C PHE D 71 13.23 -10.79 5.31
N THR D 72 13.57 -11.80 4.49
CA THR D 72 14.65 -12.71 4.80
C THR D 72 15.62 -12.92 3.64
N LEU D 73 16.89 -13.08 3.98
CA LEU D 73 17.96 -13.36 3.04
C LEU D 73 18.57 -14.70 3.45
N THR D 74 18.61 -15.63 2.50
CA THR D 74 19.10 -16.98 2.68
C THR D 74 20.32 -17.31 1.82
N ILE D 75 21.33 -17.88 2.48
CA ILE D 75 22.55 -18.36 1.84
C ILE D 75 22.51 -19.86 2.17
N SER D 76 22.25 -20.70 1.15
CA SER D 76 22.14 -22.15 1.28
C SER D 76 23.41 -22.80 1.83
N SER D 77 24.55 -22.59 1.16
CA SER D 77 25.83 -23.16 1.57
C SER D 77 26.86 -22.04 1.59
N LEU D 78 27.38 -21.75 2.79
CA LEU D 78 28.35 -20.67 3.00
C LEU D 78 29.71 -20.91 2.39
N GLU D 79 30.01 -20.13 1.37
CA GLU D 79 31.32 -20.20 0.72
C GLU D 79 32.20 -19.30 1.57
N PRO D 80 33.55 -19.46 1.63
CA PRO D 80 34.35 -18.58 2.51
C PRO D 80 34.32 -17.09 2.14
N GLU D 81 34.04 -16.77 0.85
CA GLU D 81 33.95 -15.38 0.37
C GLU D 81 32.60 -14.74 0.71
N ASP D 82 31.65 -15.55 1.21
CA ASP D 82 30.31 -15.06 1.59
C ASP D 82 30.28 -14.40 2.96
N PHE D 83 31.38 -14.49 3.72
CA PHE D 83 31.48 -13.89 5.04
C PHE D 83 31.77 -12.42 4.87
N ALA D 84 30.70 -11.62 4.97
CA ALA D 84 30.76 -10.17 4.81
C ALA D 84 29.68 -9.47 5.63
N VAL D 85 29.43 -8.21 5.28
CA VAL D 85 28.42 -7.38 5.91
C VAL D 85 27.24 -7.27 4.93
N TYR D 86 26.03 -7.45 5.46
CA TYR D 86 24.80 -7.41 4.69
C TYR D 86 23.85 -6.30 5.09
N TYR D 87 23.32 -5.60 4.08
CA TYR D 87 22.39 -4.49 4.28
C TYR D 87 21.10 -4.63 3.52
N CYS D 88 19.99 -4.28 4.17
CA CYS D 88 18.69 -4.26 3.53
C CYS D 88 18.42 -2.79 3.26
N GLN D 89 17.78 -2.51 2.13
CA GLN D 89 17.52 -1.14 1.71
C GLN D 89 16.14 -1.01 1.08
N VAL D 90 15.51 0.14 1.32
CA VAL D 90 14.19 0.46 0.81
C VAL D 90 14.14 1.96 0.50
N TRP D 91 13.15 2.37 -0.31
CA TRP D 91 12.96 3.78 -0.61
C TRP D 91 11.85 4.30 0.30
N ASP D 92 11.83 5.61 0.51
CA ASP D 92 10.83 6.28 1.33
C ASP D 92 10.57 7.69 0.77
N SER D 93 9.60 8.39 1.34
CA SER D 93 9.22 9.74 0.94
C SER D 93 10.28 10.73 1.41
N SER D 94 10.35 10.96 2.73
CA SER D 94 11.30 11.83 3.39
C SER D 94 11.72 11.12 4.69
N PRO D 95 12.97 10.62 4.81
CA PRO D 95 14.06 10.65 3.81
C PRO D 95 13.81 9.78 2.55
N PRO D 96 14.47 10.08 1.40
CA PRO D 96 14.23 9.29 0.17
C PRO D 96 14.81 7.86 0.17
N VAL D 97 15.67 7.53 1.14
CA VAL D 97 16.29 6.21 1.26
C VAL D 97 16.40 5.78 2.73
N VAL D 98 16.33 4.45 2.96
CA VAL D 98 16.46 3.85 4.28
C VAL D 98 17.34 2.61 4.13
N PHE D 99 18.40 2.54 4.93
CA PHE D 99 19.31 1.40 4.98
C PHE D 99 19.13 0.77 6.33
N GLY D 100 19.38 -0.53 6.37
CA GLY D 100 19.33 -1.29 7.59
C GLY D 100 20.64 -1.05 8.32
N GLY D 101 20.71 -1.49 9.58
CA GLY D 101 21.88 -1.32 10.43
C GLY D 101 23.07 -2.16 10.02
N GLY D 102 22.81 -3.25 9.32
CA GLY D 102 23.82 -4.18 8.84
C GLY D 102 23.93 -5.42 9.68
N THR D 103 24.31 -6.55 9.05
CA THR D 103 24.51 -7.85 9.69
C THR D 103 25.85 -8.39 9.23
N LYS D 104 26.72 -8.64 10.19
CA LYS D 104 28.05 -9.16 9.91
C LYS D 104 28.03 -10.68 10.04
N VAL D 105 28.36 -11.37 8.94
CA VAL D 105 28.45 -12.83 8.87
C VAL D 105 29.91 -13.16 9.17
N GLU D 106 30.10 -13.88 10.24
CA GLU D 106 31.37 -14.29 10.83
C GLU D 106 31.63 -15.80 10.77
N ILE D 107 32.91 -16.19 10.63
CA ILE D 107 33.34 -17.60 10.59
C ILE D 107 33.42 -18.15 12.01
N LYS D 108 32.85 -19.33 12.20
CA LYS D 108 32.83 -20.03 13.48
C LYS D 108 33.70 -21.26 13.39
N ARG D 109 34.52 -21.42 14.42
CA ARG D 109 35.41 -22.54 14.59
C ARG D 109 35.48 -22.83 16.09
N THR D 110 36.29 -23.81 16.47
CA THR D 110 36.47 -24.22 17.87
C THR D 110 37.02 -23.08 18.74
N VAL D 111 36.70 -23.12 20.03
CA VAL D 111 37.16 -22.13 20.98
C VAL D 111 38.68 -22.23 21.15
N ALA D 112 39.38 -21.16 20.76
CA ALA D 112 40.83 -21.09 20.85
C ALA D 112 41.23 -20.07 21.90
N ALA D 113 42.21 -20.42 22.74
CA ALA D 113 42.72 -19.55 23.79
C ALA D 113 43.87 -18.67 23.27
N PRO D 114 43.97 -17.40 23.73
CA PRO D 114 45.05 -16.52 23.23
C PRO D 114 46.42 -16.86 23.82
N SER D 115 47.47 -16.86 22.98
CA SER D 115 48.86 -17.10 23.40
C SER D 115 49.30 -15.72 23.85
N VAL D 116 48.97 -15.40 25.11
CA VAL D 116 49.22 -14.10 25.73
C VAL D 116 50.69 -13.83 26.03
N PHE D 117 51.19 -12.74 25.44
CA PHE D 117 52.55 -12.26 25.60
C PHE D 117 52.58 -10.80 26.07
N ILE D 118 53.58 -10.46 26.89
CA ILE D 118 53.74 -9.12 27.42
C ILE D 118 55.06 -8.54 26.91
N PHE D 119 55.08 -7.22 26.70
CA PHE D 119 56.26 -6.52 26.21
C PHE D 119 56.53 -5.26 27.01
N PRO D 120 57.75 -5.13 27.59
CA PRO D 120 58.09 -3.94 28.37
C PRO D 120 58.55 -2.79 27.48
N PRO D 121 58.62 -1.52 28.00
CA PRO D 121 59.06 -0.41 27.13
C PRO D 121 60.51 -0.65 26.79
N SER D 122 60.90 -0.38 25.54
CA SER D 122 62.29 -0.53 25.10
C SER D 122 63.11 0.61 25.71
N ASP D 123 64.41 0.37 26.00
CA ASP D 123 65.32 1.36 26.60
C ASP D 123 65.51 2.59 25.70
N GLU D 124 65.51 2.41 24.35
CA GLU D 124 65.65 3.50 23.37
C GLU D 124 64.44 4.44 23.46
N GLN D 125 63.27 3.89 23.83
CA GLN D 125 62.03 4.64 24.02
C GLN D 125 62.09 5.33 25.38
N LEU D 126 62.82 4.74 26.35
CA LEU D 126 62.93 5.34 27.67
C LEU D 126 63.69 6.66 27.65
N LYS D 127 64.61 6.82 26.67
CA LYS D 127 65.40 8.04 26.45
C LYS D 127 64.49 9.14 25.91
N SER D 128 63.41 8.76 25.16
CA SER D 128 62.43 9.70 24.59
C SER D 128 61.52 10.36 25.65
N GLY D 129 61.34 9.69 26.79
CA GLY D 129 60.54 10.20 27.91
C GLY D 129 59.08 9.80 27.99
N THR D 130 58.71 8.63 27.42
CA THR D 130 57.35 8.08 27.43
C THR D 130 57.46 6.56 27.34
N ALA D 131 56.77 5.86 28.25
CA ALA D 131 56.78 4.41 28.31
C ALA D 131 55.52 3.83 27.67
N SER D 132 55.68 2.70 26.96
CA SER D 132 54.59 1.98 26.31
C SER D 132 54.72 0.49 26.57
N VAL D 133 53.74 -0.06 27.31
CA VAL D 133 53.67 -1.47 27.63
C VAL D 133 52.68 -2.10 26.67
N VAL D 134 53.10 -3.16 25.97
CA VAL D 134 52.26 -3.84 24.98
C VAL D 134 51.91 -5.26 25.39
N CYS D 135 50.60 -5.58 25.39
CA CYS D 135 50.08 -6.91 25.72
C CYS D 135 49.53 -7.54 24.44
N LEU D 136 50.12 -8.66 24.01
CA LEU D 136 49.76 -9.44 22.84
C LEU D 136 48.85 -10.60 23.24
N LEU D 137 47.85 -10.89 22.39
CA LEU D 137 46.87 -11.95 22.55
C LEU D 137 46.82 -12.60 21.18
N ASN D 138 47.72 -13.55 20.93
CA ASN D 138 47.82 -14.19 19.62
C ASN D 138 46.90 -15.38 19.38
N ASN D 139 46.34 -15.40 18.16
CA ASN D 139 45.48 -16.43 17.56
C ASN D 139 44.40 -17.04 18.46
N PHE D 140 43.32 -16.31 18.71
CA PHE D 140 42.24 -16.81 19.53
C PHE D 140 40.89 -16.72 18.83
N TYR D 141 39.86 -17.35 19.41
CA TYR D 141 38.49 -17.34 18.92
C TYR D 141 37.58 -17.67 20.11
N PRO D 142 36.47 -16.93 20.35
CA PRO D 142 35.91 -15.82 19.56
C PRO D 142 36.60 -14.47 19.83
N ARG D 143 36.23 -13.42 19.05
CA ARG D 143 36.76 -12.04 19.13
C ARG D 143 36.49 -11.33 20.49
N GLU D 144 35.56 -11.86 21.31
CA GLU D 144 35.24 -11.24 22.61
C GLU D 144 36.33 -11.55 23.62
N ALA D 145 36.92 -10.48 24.16
CA ALA D 145 37.99 -10.52 25.14
C ALA D 145 38.04 -9.21 25.91
N LYS D 146 38.75 -9.21 27.04
CA LYS D 146 38.91 -8.05 27.89
C LYS D 146 40.31 -8.03 28.46
N VAL D 147 40.92 -6.84 28.51
CA VAL D 147 42.27 -6.61 29.01
C VAL D 147 42.22 -5.57 30.13
N GLN D 148 42.71 -5.95 31.30
CA GLN D 148 42.77 -5.06 32.46
C GLN D 148 44.23 -4.93 32.83
N TRP D 149 44.80 -3.73 32.64
CA TRP D 149 46.20 -3.45 32.96
C TRP D 149 46.36 -3.32 34.45
N LYS D 150 47.34 -4.05 35.00
CA LYS D 150 47.66 -4.09 36.41
C LYS D 150 49.06 -3.57 36.72
N VAL D 151 49.15 -2.28 37.04
CA VAL D 151 50.41 -1.66 37.45
C VAL D 151 50.38 -1.79 38.96
N ASP D 152 51.31 -2.59 39.53
CA ASP D 152 51.52 -2.97 40.94
C ASP D 152 50.18 -3.23 41.69
N ASN D 153 49.38 -4.16 41.13
CA ASN D 153 48.06 -4.62 41.60
C ASN D 153 47.00 -3.49 41.64
N ALA D 154 47.16 -2.43 40.83
CA ALA D 154 46.17 -1.36 40.74
C ALA D 154 45.42 -1.56 39.42
N LEU D 155 44.47 -0.68 39.08
CA LEU D 155 43.66 -0.81 37.85
C LEU D 155 44.21 -0.05 36.61
N GLN D 156 43.48 -0.20 35.48
CA GLN D 156 43.71 0.45 34.21
C GLN D 156 42.78 1.67 34.27
N SER D 157 43.36 2.85 34.56
CA SER D 157 42.66 4.13 34.74
C SER D 157 41.95 4.66 33.47
N GLY D 158 42.45 4.27 32.30
CA GLY D 158 41.94 4.68 31.00
C GLY D 158 43.02 5.26 30.10
N ASN D 159 44.27 4.90 30.42
CA ASN D 159 45.52 5.30 29.76
C ASN D 159 45.98 4.18 28.83
N SER D 160 45.02 3.37 28.33
CA SER D 160 45.28 2.25 27.44
C SER D 160 44.40 2.25 26.20
N GLN D 161 44.96 1.76 25.08
CA GLN D 161 44.27 1.66 23.81
C GLN D 161 44.53 0.31 23.19
N GLU D 162 43.56 -0.22 22.45
CA GLU D 162 43.71 -1.54 21.84
C GLU D 162 43.16 -1.59 20.42
N SER D 163 43.58 -2.61 19.67
CA SER D 163 43.14 -2.85 18.30
C SER D 163 43.12 -4.35 18.04
N VAL D 164 42.14 -4.77 17.25
CA VAL D 164 41.93 -6.18 16.91
C VAL D 164 42.11 -6.37 15.42
N THR D 165 42.81 -7.46 15.04
CA THR D 165 43.03 -7.81 13.63
C THR D 165 41.72 -8.36 13.08
N GLU D 166 41.66 -8.51 11.76
CA GLU D 166 40.50 -9.08 11.11
C GLU D 166 40.65 -10.60 11.27
N GLN D 167 39.56 -11.33 11.09
CA GLN D 167 39.60 -12.78 11.20
C GLN D 167 40.59 -13.31 10.15
N ASP D 168 41.53 -14.16 10.59
CA ASP D 168 42.57 -14.75 9.75
C ASP D 168 42.04 -15.58 8.57
N SER D 169 42.77 -15.48 7.44
CA SER D 169 42.47 -16.18 6.19
C SER D 169 42.67 -17.69 6.32
N LYS D 170 43.67 -18.13 7.12
CA LYS D 170 43.99 -19.55 7.29
C LYS D 170 43.24 -20.25 8.42
N ASP D 171 43.49 -19.87 9.68
CA ASP D 171 42.87 -20.51 10.84
C ASP D 171 41.60 -19.79 11.36
N SER D 172 41.13 -18.70 10.73
CA SER D 172 39.92 -17.96 11.16
C SER D 172 39.97 -17.49 12.63
N THR D 173 41.16 -17.07 13.09
CA THR D 173 41.38 -16.58 14.45
C THR D 173 41.51 -15.05 14.46
N TYR D 174 41.52 -14.48 15.68
CA TYR D 174 41.64 -13.07 15.97
C TYR D 174 42.88 -12.86 16.81
N SER D 175 43.41 -11.64 16.80
CA SER D 175 44.57 -11.24 17.56
C SER D 175 44.36 -9.81 18.03
N LEU D 176 44.76 -9.54 19.27
CA LEU D 176 44.61 -8.23 19.90
C LEU D 176 45.97 -7.69 20.38
N SER D 177 46.11 -6.37 20.37
CA SER D 177 47.30 -5.66 20.83
C SER D 177 46.84 -4.47 21.63
N SER D 178 47.06 -4.51 22.94
CA SER D 178 46.71 -3.42 23.85
C SER D 178 47.99 -2.69 24.24
N THR D 179 47.93 -1.35 24.29
CA THR D 179 49.05 -0.48 24.61
C THR D 179 48.77 0.43 25.81
N LEU D 180 49.46 0.16 26.93
CA LEU D 180 49.36 0.98 28.14
C LEU D 180 50.45 2.01 27.98
N THR D 181 50.06 3.27 27.73
CA THR D 181 50.99 4.38 27.54
C THR D 181 51.06 5.17 28.82
N LEU D 182 52.25 5.25 29.40
CA LEU D 182 52.47 5.98 30.65
C LEU D 182 53.63 6.95 30.49
N SER D 183 53.67 7.98 31.34
CA SER D 183 54.74 8.97 31.34
C SER D 183 56.01 8.31 31.91
N LYS D 184 57.18 8.94 31.69
CA LYS D 184 58.47 8.45 32.17
C LYS D 184 58.56 8.51 33.70
N ALA D 185 57.98 9.58 34.33
CA ALA D 185 57.97 9.77 35.78
C ALA D 185 57.12 8.71 36.48
N ASP D 186 55.93 8.39 35.92
CA ASP D 186 55.00 7.40 36.48
C ASP D 186 55.49 5.97 36.27
N TYR D 187 56.30 5.72 35.22
CA TYR D 187 56.85 4.40 34.93
C TYR D 187 57.98 4.06 35.92
N GLU D 188 58.79 5.07 36.30
CA GLU D 188 59.91 4.93 37.23
C GLU D 188 59.46 4.61 38.66
N LYS D 189 58.47 5.37 39.21
CA LYS D 189 57.96 5.21 40.59
C LYS D 189 56.90 4.07 40.74
N HIS D 190 57.13 2.93 40.08
CA HIS D 190 56.30 1.71 40.12
C HIS D 190 57.21 0.54 39.79
N LYS D 191 56.83 -0.69 40.16
CA LYS D 191 57.69 -1.84 39.93
C LYS D 191 57.13 -2.93 39.05
N VAL D 192 55.96 -3.44 39.42
CA VAL D 192 55.30 -4.55 38.76
C VAL D 192 54.19 -4.14 37.79
N TYR D 193 54.18 -4.79 36.60
CA TYR D 193 53.20 -4.54 35.56
C TYR D 193 52.67 -5.85 35.03
N ALA D 194 51.36 -5.89 34.72
CA ALA D 194 50.69 -7.10 34.21
C ALA D 194 49.45 -6.74 33.39
N CYS D 195 49.00 -7.67 32.55
CA CYS D 195 47.79 -7.51 31.77
C CYS D 195 46.95 -8.77 32.00
N GLU D 196 45.72 -8.60 32.54
CA GLU D 196 44.83 -9.71 32.83
C GLU D 196 43.93 -9.95 31.62
N VAL D 197 43.89 -11.20 31.16
CA VAL D 197 43.11 -11.60 29.98
C VAL D 197 41.87 -12.43 30.32
N THR D 198 40.71 -11.98 29.81
CA THR D 198 39.42 -12.66 29.99
C THR D 198 39.06 -13.34 28.68
N HIS D 199 39.15 -14.66 28.67
CA HIS D 199 38.78 -15.51 27.55
C HIS D 199 38.25 -16.82 28.16
N GLN D 200 37.87 -17.79 27.32
CA GLN D 200 37.29 -19.06 27.74
C GLN D 200 38.27 -20.04 28.45
N GLY D 201 37.82 -20.55 29.60
CA GLY D 201 38.55 -21.53 30.41
C GLY D 201 39.00 -21.14 31.79
N LEU D 202 39.71 -19.99 31.91
CA LEU D 202 40.25 -19.46 33.18
C LEU D 202 40.84 -18.10 32.93
N SER D 203 41.14 -17.37 34.02
CA SER D 203 41.76 -16.04 33.92
C SER D 203 43.26 -16.28 33.79
N SER D 204 43.95 -15.48 32.96
CA SER D 204 45.38 -15.68 32.76
C SER D 204 46.25 -14.39 32.79
N PRO D 205 46.61 -13.86 33.99
CA PRO D 205 47.44 -12.63 34.02
C PRO D 205 48.87 -13.01 33.69
N VAL D 206 49.56 -12.16 32.92
CA VAL D 206 50.96 -12.32 32.53
C VAL D 206 51.65 -11.05 33.00
N THR D 207 52.63 -11.22 33.91
CA THR D 207 53.37 -10.12 34.52
C THR D 207 54.85 -10.05 34.13
N LYS D 208 55.46 -8.89 34.43
CA LYS D 208 56.85 -8.56 34.23
C LYS D 208 57.23 -7.39 35.14
N SER D 209 58.39 -7.51 35.78
CA SER D 209 58.94 -6.51 36.69
C SER D 209 60.39 -6.26 36.26
N PHE D 210 60.76 -4.98 36.12
CA PHE D 210 62.10 -4.59 35.69
C PHE D 210 63.10 -4.66 36.83
N PVM E . -27.65 0.40 -6.19
C PVM E . -27.41 1.57 -7.09
O PVM E . -33.09 3.79 -6.20
C1 PVM E . -29.04 -0.17 -6.21
C10 PVM E . -30.37 -1.62 -7.87
C13 PVM E . -32.05 -1.21 -9.59
C14 PVM E . -34.36 -1.75 -9.99
C15 PVM E . -33.72 -1.09 -11.00
C17 PVM E . -29.04 -1.09 -7.44
C18 PVM E . -29.15 -0.98 -4.93
C19 PVM E . -34.55 1.17 -6.77
C2 PVM E . -30.10 0.89 -6.22
C20 PVM E . -34.16 1.52 -8.06
C21 PVM E . -35.08 1.46 -9.09
C22 PVM E . -36.37 1.05 -8.84
C23 PVM E . -36.73 0.71 -7.55
C24 PVM E . -35.83 0.77 -6.51
C25 PVM E . -32.80 5.01 -6.86
C26 PVM E . -33.96 5.91 -6.49
C28 PVM E . -35.72 5.50 -8.22
C29 PVM E . -36.88 4.76 -8.17
C3 PVM E . -29.77 2.20 -6.52
C32 PVM E . -37.84 4.65 -9.23
C33 PVM E . -39.04 3.84 -8.93
C34 PVM E . -39.96 3.75 -9.89
C35 PVM E . -39.74 4.44 -11.18
C38 PVM E . -41.21 2.97 -9.68
C4 PVM E . -28.40 2.67 -6.81
C40 PVM E . -38.45 6.16 -12.24
C41 PVM E . -39.25 7.28 -12.16
C42 PVM E . -39.16 8.26 -13.13
C43 PVM E . -38.26 8.07 -14.16
C44 PVM E . -37.44 6.97 -14.23
C45 PVM E . -37.56 5.99 -13.27
C47 PVM E . -38.35 8.44 -16.40
C48 PVM E . -37.32 0.99 -9.96
C5 PVM E . -31.41 0.59 -5.95
C6 PVM E . -32.38 1.57 -5.98
C7 PVM E . -32.05 2.88 -6.25
C8 PVM E . -30.73 3.19 -6.53
F PVM E . -37.97 0.31 -7.24
N11 PVM E . -30.79 -1.06 -9.05
N16 PVM E . -32.41 -0.78 -10.79
N27 PVM E . -35.19 5.31 -6.99
N30 PVM E . -37.00 4.17 -6.94
N31 PVM E . -35.96 4.52 -6.20
N36 PVM E . -38.56 5.15 -11.29
N37 PVM E . -37.61 5.26 -10.33
O12 PVM E . -30.94 -2.49 -7.21
O39 PVM E . -40.57 4.39 -12.09
O46 PVM E . -38.17 9.06 -15.13
O49 PVM E . -36.89 1.15 -11.12
O50 PVM E . -38.52 0.76 -9.65
O9 PVM E . -33.68 1.23 -5.69
S PVM E . -33.28 -2.02 -8.69
#